data_8HNW
#
_entry.id   8HNW
#
_cell.length_a   158.867
_cell.length_b   185.760
_cell.length_c   160.880
_cell.angle_alpha   90.000
_cell.angle_beta   90.000
_cell.angle_gamma   90.000
#
_symmetry.space_group_name_H-M   'C 2 2 21'
#
loop_
_entity.id
_entity.type
_entity.pdbx_description
1 polymer 'CRISPR-associated endonuclease Cas9'
2 polymer sgRNA
3 polymer 'Target strand'
4 polymer 'Non-target strand'
#
loop_
_entity_poly.entity_id
_entity_poly.type
_entity_poly.pdbx_seq_one_letter_code
_entity_poly.pdbx_strand_id
1 'polypeptide(L)'
;SMENKNLNYILGLDLGIASVGWAVVEIDEKENPLRLIDVGVRTFERAEVPKTGESLALSRRLARSARRLTQRRVARLKKA
KRLLKSENILLSTDERLPHQVWQLRVEGLDHKLERQEWAAVLLHLIKHRGYLSQRKNESKSENKELGALLSGVDNNHKLL
QQATYRSPAELAVKKFEVEEGHIRNQQGAYTHTFSRLDLLAEMELLFSRQQHFGNPFASEKLLENLTALLMWQKPALSGE
AILKMLGKCTFEDEYKAAKNTYSAERFVWITKLNNLRIQENGLERALNDNERLALMEQPYDKNRLFYSQVRSILKLSDEA
IFKGLRYSGEDKKAIETKAVLMEMKAYHQIRKVLEGNNLKAEWAELKANPTLLDEIGTAFSLYKTDEDISAYLAGKLSQP
VLNALLENLSFDKFIQLSLKALYKLLPLMQQGLRYDEACREIYGDHYGKKTEENHHFLPQIPADEIRNPVVLRTLTQARK
VINGVVRLYGSPARIHIETGREVGKSYKDRRELEKRQEENRKQRENAIKEFKEYFPHFAGEPKAKDILKMRLYKQQNAKC
LYSGKPIELHRLLEKGYVEVDAALPFSRTWDDSFNNKVLVLANENQNKGNLTPFEWLDGKHNSERWRAFKALVETSAFPY
AKKQRILSQKLDEKGFIERNLNDTRYVARFLCNFIADNMHLTGEGKRKVFASNGQITALLRSRWGLAKSREDNDRHHALD
AVVVACSTVAMQQKITRFVRFEAGDVFTGERIDRETGEIIPLHFPTPWQFFKQEVEIRIFSDNPKLELENRLPDRPQANH
EFVQPLFVSRMPTRKMTGQGHMETVKSAKRLNEGISVIKMPLTKLKLKDLELMVNREREKDLYDTLKARLEAFNDDPAKA
FAEPFIKKGGAIVKSVRVEQIQKSGVLVREGNGVADNASMVRVDVFTKGGKYFLVPIYTWQVAKGILPNKAATQYKDEED
WEVMDNSATFKFSLHPNDLVKLVTKKKTILGYFNGLNRATGNIDIKEHDLDKSKGKQGIFEGVGIKLALSFEKYQVDELG
KNIRLCKPSKRQPVR
;
A
2 'polyribonucleotide'
;GGUCACUCUAACAUUUAAUCACACGUUGUAGCUCCCUUUUUCGAAAGAAAAACGUUGUUACAAUAAGAGAAAAGAUUUCU
CGCAAAGCUCUGUCCCUUGAAAUGUAAGUUUCAAGGGACAUCUUUUUC
;
B
3 'polydeoxyribonucleotide'
;(DT)(DA)(DA)(DA)(DA)(DT)(DC)(DA)(DT)(DA)(DT)(DG)(DT)(DG)(DT)(DG)(DA)(DT)(DT)(DA)
(DA)(DA)(DT)(DG)(DT)(DT)(DA)(DG)(DA)(DG)(DT)(DG)(DA)(DC)(DC)
;
C
4 'polydeoxyribonucleotide' (DA)(DT)(DA)(DT)(DG)(DA)(DT)(DT)(DT)(DT)(DA) D
#
loop_
_chem_comp.id
_chem_comp.type
_chem_comp.name
_chem_comp.formula
A RNA linking ADENOSINE-5'-MONOPHOSPHATE 'C10 H14 N5 O7 P'
C RNA linking CYTIDINE-5'-MONOPHOSPHATE 'C9 H14 N3 O8 P'
DA DNA linking 2'-DEOXYADENOSINE-5'-MONOPHOSPHATE 'C10 H14 N5 O6 P'
DC DNA linking 2'-DEOXYCYTIDINE-5'-MONOPHOSPHATE 'C9 H14 N3 O7 P'
DG DNA linking 2'-DEOXYGUANOSINE-5'-MONOPHOSPHATE 'C10 H14 N5 O7 P'
DT DNA linking THYMIDINE-5'-MONOPHOSPHATE 'C10 H15 N2 O8 P'
G RNA linking GUANOSINE-5'-MONOPHOSPHATE 'C10 H14 N5 O8 P'
U RNA linking URIDINE-5'-MONOPHOSPHATE 'C9 H13 N2 O9 P'
#
# COMPACT_ATOMS: atom_id res chain seq x y z
N ILE A 10 4.91 36.81 1.80
CA ILE A 10 4.56 35.53 1.18
C ILE A 10 4.53 34.43 2.21
N LEU A 11 3.52 33.55 2.11
CA LEU A 11 3.48 32.38 2.98
C LEU A 11 4.71 31.52 2.76
N GLY A 12 5.56 31.42 3.79
CA GLY A 12 6.76 30.63 3.69
C GLY A 12 6.52 29.18 4.05
N LEU A 13 5.58 28.53 3.36
CA LEU A 13 5.28 27.14 3.63
C LEU A 13 6.49 26.27 3.37
N ASP A 14 6.94 25.56 4.40
CA ASP A 14 7.98 24.53 4.26
C ASP A 14 7.27 23.19 4.29
N LEU A 15 7.07 22.60 3.11
CA LEU A 15 6.26 21.40 2.98
C LEU A 15 6.98 20.20 3.59
N GLY A 16 6.32 19.06 3.55
CA GLY A 16 6.89 17.84 4.08
C GLY A 16 5.83 16.77 4.19
N ILE A 17 6.31 15.55 4.50
CA ILE A 17 5.43 14.41 4.66
C ILE A 17 5.00 14.20 6.10
N ALA A 18 5.52 14.98 7.04
CA ALA A 18 5.12 14.84 8.43
C ALA A 18 4.78 16.19 9.06
N SER A 19 5.37 17.26 8.54
CA SER A 19 5.21 18.58 9.14
C SER A 19 5.11 19.65 8.06
N VAL A 20 4.41 20.74 8.39
CA VAL A 20 4.27 21.90 7.51
C VAL A 20 4.65 23.12 8.35
N GLY A 21 5.92 23.53 8.26
CA GLY A 21 6.33 24.78 8.90
C GLY A 21 5.99 25.98 8.04
N TRP A 22 5.74 27.11 8.70
CA TRP A 22 5.32 28.31 7.99
C TRP A 22 5.88 29.55 8.69
N ALA A 23 5.92 30.65 7.95
CA ALA A 23 6.38 31.93 8.47
C ALA A 23 5.77 33.03 7.61
N VAL A 24 4.89 33.84 8.20
CA VAL A 24 4.16 34.86 7.46
C VAL A 24 5.02 36.11 7.32
N VAL A 25 4.96 36.73 6.14
CA VAL A 25 5.66 37.99 5.91
C VAL A 25 4.88 38.80 4.86
N GLU A 26 4.81 40.10 5.07
CA GLU A 26 4.23 41.05 4.13
C GLU A 26 5.24 42.15 3.88
N ILE A 27 5.48 42.46 2.61
CA ILE A 27 6.57 43.33 2.21
C ILE A 27 6.04 44.46 1.33
N ASP A 28 6.57 45.66 1.53
CA ASP A 28 6.27 46.79 0.67
C ASP A 28 7.30 46.87 -0.45
N GLU A 29 6.80 47.11 -1.67
CA GLU A 29 7.61 47.12 -2.89
C GLU A 29 8.33 45.79 -3.10
N LYS A 30 7.84 44.72 -2.46
CA LYS A 30 8.52 43.43 -2.41
C LYS A 30 9.99 43.63 -2.07
N GLU A 31 10.87 42.89 -2.77
CA GLU A 31 12.32 43.05 -2.63
C GLU A 31 12.77 42.96 -1.17
N ASN A 32 13.30 44.05 -0.63
CA ASN A 32 13.86 44.03 0.71
C ASN A 32 12.75 43.90 1.74
N PRO A 33 12.76 42.86 2.57
CA PRO A 33 11.75 42.71 3.62
C PRO A 33 12.20 43.29 4.95
N LEU A 34 11.22 43.66 5.77
CA LEU A 34 11.48 44.27 7.07
C LEU A 34 11.49 43.26 8.20
N ARG A 35 10.35 42.60 8.44
CA ARG A 35 10.22 41.68 9.56
C ARG A 35 8.94 40.87 9.41
N LEU A 36 8.97 39.66 9.94
CA LEU A 36 7.84 38.74 9.83
C LEU A 36 6.82 39.05 10.92
N ILE A 37 5.81 38.19 11.05
CA ILE A 37 4.77 38.35 12.06
C ILE A 37 4.77 37.18 13.03
N ASP A 38 4.52 35.97 12.52
CA ASP A 38 4.40 34.79 13.36
C ASP A 38 4.99 33.59 12.63
N VAL A 39 5.32 32.57 13.42
CA VAL A 39 5.89 31.33 12.91
C VAL A 39 5.09 30.17 13.47
N GLY A 40 5.20 29.02 12.80
CA GLY A 40 4.42 27.86 13.21
C GLY A 40 4.89 26.58 12.57
N VAL A 41 4.62 25.47 13.25
CA VAL A 41 4.87 24.13 12.76
C VAL A 41 3.67 23.26 13.10
N ARG A 42 3.17 22.52 12.11
CA ARG A 42 2.10 21.54 12.31
C ARG A 42 2.65 20.15 12.02
N THR A 43 2.83 19.35 13.07
CA THR A 43 3.37 18.00 12.96
C THR A 43 2.20 17.01 12.98
N PHE A 44 1.94 16.38 11.83
CA PHE A 44 0.93 15.34 11.71
C PHE A 44 1.63 14.02 11.43
N GLU A 45 1.50 13.08 12.36
CA GLU A 45 2.12 11.76 12.26
C GLU A 45 3.63 11.87 12.00
N GLY A 53 6.34 -2.12 6.37
CA GLY A 53 7.30 -1.06 6.15
C GLY A 53 6.92 -0.14 5.01
N GLU A 54 5.62 -0.02 4.76
CA GLU A 54 5.12 0.82 3.68
C GLU A 54 3.76 1.35 4.10
N SER A 55 2.98 1.83 3.13
CA SER A 55 1.70 2.47 3.40
C SER A 55 0.79 1.55 4.23
N LEU A 56 0.17 2.13 5.26
CA LEU A 56 -0.75 1.37 6.09
C LEU A 56 -1.91 0.80 5.30
N ALA A 57 -2.26 1.43 4.17
CA ALA A 57 -3.32 0.91 3.33
C ALA A 57 -2.94 -0.43 2.70
N LEU A 58 -1.64 -0.68 2.49
CA LEU A 58 -1.22 -1.98 1.97
C LEU A 58 -1.56 -3.11 2.94
N SER A 59 -1.36 -2.87 4.24
CA SER A 59 -1.75 -3.87 5.23
C SER A 59 -3.24 -4.13 5.18
N ARG A 60 -4.04 -3.07 5.06
CA ARG A 60 -5.49 -3.25 4.98
C ARG A 60 -5.87 -4.04 3.74
N ARG A 61 -5.24 -3.74 2.60
CA ARG A 61 -5.59 -4.43 1.36
C ARG A 61 -5.20 -5.91 1.42
N LEU A 62 -4.01 -6.21 1.96
CA LEU A 62 -3.59 -7.60 2.09
C LEU A 62 -4.53 -8.36 3.04
N ALA A 63 -4.90 -7.73 4.16
CA ALA A 63 -5.85 -8.37 5.07
C ALA A 63 -7.20 -8.59 4.39
N ARG A 64 -7.65 -7.61 3.60
CA ARG A 64 -8.92 -7.73 2.89
C ARG A 64 -8.90 -8.91 1.93
N SER A 65 -7.82 -9.03 1.15
CA SER A 65 -7.72 -10.14 0.20
C SER A 65 -7.66 -11.47 0.94
N ALA A 66 -6.95 -11.52 2.06
CA ALA A 66 -6.89 -12.75 2.86
C ALA A 66 -8.28 -13.14 3.36
N ARG A 67 -9.04 -12.16 3.86
CA ARG A 67 -10.42 -12.44 4.29
C ARG A 67 -11.26 -12.97 3.14
N ARG A 68 -11.13 -12.34 1.97
CA ARG A 68 -11.92 -12.77 0.82
C ARG A 68 -11.61 -14.21 0.43
N LEU A 69 -10.32 -14.55 0.34
CA LEU A 69 -9.95 -15.91 -0.03
C LEU A 69 -10.40 -16.91 1.03
N THR A 70 -10.24 -16.57 2.31
CA THR A 70 -10.66 -17.47 3.38
C THR A 70 -12.14 -17.78 3.30
N GLN A 71 -12.97 -16.74 3.20
CA GLN A 71 -14.41 -16.98 3.17
C GLN A 71 -14.84 -17.63 1.86
N ARG A 72 -14.13 -17.36 0.77
CA ARG A 72 -14.44 -18.03 -0.49
C ARG A 72 -14.14 -19.51 -0.43
N ARG A 73 -13.06 -19.91 0.24
CA ARG A 73 -12.84 -21.36 0.41
C ARG A 73 -13.88 -21.95 1.36
N VAL A 74 -14.26 -21.23 2.40
CA VAL A 74 -15.35 -21.68 3.27
C VAL A 74 -16.57 -22.00 2.41
N ALA A 75 -16.96 -21.05 1.57
CA ALA A 75 -18.13 -21.22 0.72
C ALA A 75 -17.95 -22.36 -0.28
N ARG A 76 -16.76 -22.47 -0.88
CA ARG A 76 -16.53 -23.49 -1.90
C ARG A 76 -16.63 -24.89 -1.31
N LEU A 77 -16.02 -25.10 -0.15
CA LEU A 77 -16.11 -26.42 0.49
C LEU A 77 -17.53 -26.70 0.96
N LYS A 78 -18.24 -25.69 1.45
CA LYS A 78 -19.64 -25.90 1.82
C LYS A 78 -20.48 -26.30 0.61
N LYS A 79 -20.26 -25.64 -0.52
CA LYS A 79 -21.01 -25.96 -1.75
C LYS A 79 -20.68 -27.37 -2.22
N ALA A 80 -19.41 -27.76 -2.14
CA ALA A 80 -19.03 -29.13 -2.49
C ALA A 80 -19.70 -30.13 -1.57
N LYS A 81 -19.80 -29.82 -0.28
CA LYS A 81 -20.49 -30.71 0.65
C LYS A 81 -21.96 -30.86 0.30
N ARG A 82 -22.63 -29.76 -0.05
CA ARG A 82 -24.04 -29.87 -0.46
C ARG A 82 -24.18 -30.71 -1.72
N LEU A 83 -23.31 -30.50 -2.69
CA LEU A 83 -23.34 -31.30 -3.92
C LEU A 83 -23.14 -32.77 -3.62
N LEU A 84 -22.21 -33.10 -2.72
CA LEU A 84 -21.96 -34.49 -2.38
C LEU A 84 -23.11 -35.09 -1.59
N LYS A 85 -23.78 -34.29 -0.76
CA LYS A 85 -24.96 -34.77 -0.03
C LYS A 85 -26.09 -35.11 -0.99
N SER A 86 -26.27 -34.30 -2.04
CA SER A 86 -27.39 -34.52 -2.95
C SER A 86 -27.31 -35.88 -3.64
N GLU A 87 -26.10 -36.43 -3.82
CA GLU A 87 -25.92 -37.69 -4.51
C GLU A 87 -25.96 -38.89 -3.56
N ASN A 88 -26.23 -38.66 -2.27
CA ASN A 88 -26.20 -39.69 -1.23
C ASN A 88 -24.79 -40.22 -0.99
N ILE A 89 -23.79 -39.36 -1.14
CA ILE A 89 -22.42 -39.68 -0.76
C ILE A 89 -22.15 -39.29 0.69
N LEU A 90 -22.49 -38.06 1.04
CA LEU A 90 -22.29 -37.53 2.39
C LEU A 90 -23.61 -37.66 3.13
N LEU A 91 -23.71 -38.68 3.99
CA LEU A 91 -24.91 -38.80 4.81
C LEU A 91 -25.01 -37.61 5.75
N SER A 92 -26.24 -37.25 6.11
CA SER A 92 -26.52 -36.02 6.84
C SER A 92 -25.59 -35.86 8.04
N THR A 93 -25.62 -36.81 8.96
CA THR A 93 -24.73 -36.80 10.11
C THR A 93 -23.60 -37.79 9.82
N ASP A 94 -22.73 -38.03 10.81
CA ASP A 94 -21.58 -38.91 10.68
C ASP A 94 -20.62 -38.40 9.59
N GLU A 95 -20.12 -37.18 9.81
CA GLU A 95 -19.26 -36.50 8.86
C GLU A 95 -17.78 -36.59 9.24
N ARG A 96 -17.38 -37.68 9.91
CA ARG A 96 -15.98 -37.88 10.29
C ARG A 96 -15.30 -38.69 9.18
N LEU A 97 -14.89 -37.98 8.13
CA LEU A 97 -14.29 -38.61 6.97
C LEU A 97 -12.89 -39.13 7.29
N PRO A 98 -12.40 -40.10 6.51
CA PRO A 98 -11.05 -40.61 6.75
C PRO A 98 -9.99 -39.53 6.64
N HIS A 99 -8.94 -39.68 7.45
CA HIS A 99 -7.85 -38.72 7.49
C HIS A 99 -6.83 -38.97 6.38
N GLN A 100 -6.65 -40.24 5.99
CA GLN A 100 -5.61 -40.64 5.04
C GLN A 100 -6.02 -40.31 3.61
N VAL A 101 -6.23 -39.01 3.37
CA VAL A 101 -6.77 -38.60 2.08
C VAL A 101 -5.78 -38.90 0.95
N TRP A 102 -4.50 -38.61 1.16
CA TRP A 102 -3.52 -38.82 0.08
C TRP A 102 -3.39 -40.30 -0.25
N GLN A 103 -3.32 -41.16 0.77
CA GLN A 103 -3.23 -42.60 0.54
C GLN A 103 -4.46 -43.13 -0.17
N LEU A 104 -5.65 -42.65 0.23
CA LEU A 104 -6.87 -43.09 -0.44
C LEU A 104 -6.93 -42.60 -1.89
N ARG A 105 -6.45 -41.38 -2.14
CA ARG A 105 -6.36 -40.90 -3.51
C ARG A 105 -5.45 -41.78 -4.34
N VAL A 106 -4.36 -42.26 -3.74
CA VAL A 106 -3.49 -43.21 -4.43
C VAL A 106 -4.23 -44.52 -4.67
N GLU A 107 -4.98 -44.99 -3.68
CA GLU A 107 -5.64 -46.30 -3.79
C GLU A 107 -6.74 -46.31 -4.83
N GLY A 108 -7.41 -45.17 -5.06
CA GLY A 108 -8.49 -45.12 -6.03
C GLY A 108 -8.06 -45.43 -7.44
N LEU A 109 -6.76 -45.31 -7.74
CA LEU A 109 -6.26 -45.64 -9.06
C LEU A 109 -6.18 -47.15 -9.26
N ASP A 110 -6.20 -47.93 -8.19
CA ASP A 110 -6.05 -49.38 -8.26
C ASP A 110 -7.16 -50.16 -7.57
N HIS A 111 -7.87 -49.57 -6.61
CA HIS A 111 -8.96 -50.22 -5.90
C HIS A 111 -10.19 -49.33 -5.96
N LYS A 112 -11.29 -49.81 -5.40
CA LYS A 112 -12.50 -49.00 -5.29
C LYS A 112 -12.53 -48.32 -3.93
N LEU A 113 -12.79 -47.02 -3.93
CA LEU A 113 -13.01 -46.29 -2.70
C LEU A 113 -14.44 -46.46 -2.22
N GLU A 114 -14.63 -46.35 -0.91
CA GLU A 114 -15.94 -46.49 -0.30
C GLU A 114 -16.72 -45.20 -0.48
N ARG A 115 -17.81 -45.06 0.27
CA ARG A 115 -18.63 -43.85 0.17
C ARG A 115 -17.93 -42.69 0.85
N GLN A 116 -17.48 -42.88 2.10
CA GLN A 116 -16.81 -41.82 2.84
C GLN A 116 -15.37 -41.60 2.39
N GLU A 117 -14.67 -42.66 1.97
CA GLU A 117 -13.34 -42.48 1.42
C GLU A 117 -13.38 -41.61 0.17
N TRP A 118 -14.32 -41.91 -0.73
CA TRP A 118 -14.50 -41.10 -1.94
C TRP A 118 -14.94 -39.69 -1.58
N ALA A 119 -15.82 -39.56 -0.58
CA ALA A 119 -16.26 -38.23 -0.16
C ALA A 119 -15.10 -37.40 0.34
N ALA A 120 -14.21 -37.99 1.14
CA ALA A 120 -13.03 -37.29 1.61
C ALA A 120 -12.12 -36.90 0.45
N VAL A 121 -11.94 -37.82 -0.50
CA VAL A 121 -11.09 -37.51 -1.66
C VAL A 121 -11.63 -36.30 -2.42
N LEU A 122 -12.93 -36.28 -2.69
CA LEU A 122 -13.51 -35.16 -3.42
C LEU A 122 -13.45 -33.87 -2.61
N LEU A 123 -13.82 -33.92 -1.32
CA LEU A 123 -13.81 -32.72 -0.51
C LEU A 123 -12.39 -32.20 -0.27
N HIS A 124 -11.38 -33.03 -0.48
CA HIS A 124 -9.99 -32.58 -0.33
C HIS A 124 -9.41 -32.10 -1.65
N LEU A 125 -9.87 -32.63 -2.78
CA LEU A 125 -9.46 -32.07 -4.07
C LEU A 125 -10.11 -30.73 -4.37
N ILE A 126 -11.02 -30.26 -3.51
CA ILE A 126 -11.62 -28.94 -3.68
C ILE A 126 -10.88 -27.94 -2.80
N LYS A 127 -10.33 -28.43 -1.69
CA LYS A 127 -9.64 -27.55 -0.75
C LYS A 127 -8.32 -27.05 -1.33
N HIS A 128 -7.40 -27.97 -1.61
CA HIS A 128 -6.09 -27.62 -2.15
C HIS A 128 -6.22 -27.60 -3.68
N ARG A 129 -6.54 -26.44 -4.22
CA ARG A 129 -6.93 -26.34 -5.62
C ARG A 129 -5.74 -26.56 -6.55
N GLY A 130 -4.62 -25.91 -6.29
CA GLY A 130 -3.47 -26.01 -7.16
C GLY A 130 -2.93 -24.67 -7.60
N TYR A 131 -2.74 -24.48 -8.91
CA TYR A 131 -2.33 -23.17 -9.42
C TYR A 131 -2.77 -23.08 -10.87
N LEU A 132 -3.67 -22.15 -11.17
CA LEU A 132 -4.17 -21.93 -12.52
C LEU A 132 -3.55 -20.67 -13.08
N SER A 133 -2.89 -20.78 -14.23
CA SER A 133 -2.22 -19.65 -14.84
C SER A 133 -3.23 -18.58 -15.24
N GLN A 134 -2.91 -17.33 -14.89
CA GLN A 134 -3.76 -16.19 -15.23
C GLN A 134 -3.02 -15.18 -16.11
N ARG A 135 -1.94 -15.60 -16.76
CA ARG A 135 -1.16 -14.71 -17.60
C ARG A 135 -1.97 -14.27 -18.82
N LYS A 136 -1.41 -13.32 -19.56
CA LYS A 136 -2.03 -12.88 -20.80
C LYS A 136 -2.00 -14.00 -21.84
N ASN A 137 -2.73 -13.79 -22.92
CA ASN A 137 -2.63 -14.66 -24.09
C ASN A 137 -1.46 -14.28 -24.99
N GLU A 138 -0.55 -13.44 -24.49
CA GLU A 138 0.67 -13.06 -25.21
C GLU A 138 1.68 -14.20 -25.13
N SER A 139 1.31 -15.34 -25.72
CA SER A 139 2.10 -16.55 -25.60
C SER A 139 3.45 -16.39 -26.26
N LYS A 140 4.51 -16.74 -25.52
CA LYS A 140 5.89 -16.67 -25.99
C LYS A 140 6.23 -15.28 -26.53
N GLU A 145 13.61 -17.27 -16.21
CA GLU A 145 13.82 -17.37 -14.78
C GLU A 145 12.52 -17.66 -14.04
N LEU A 146 12.38 -18.88 -13.54
CA LEU A 146 11.21 -19.29 -12.79
C LEU A 146 11.44 -19.07 -11.30
N GLY A 147 10.37 -18.72 -10.60
CA GLY A 147 10.47 -18.44 -9.18
C GLY A 147 10.49 -19.70 -8.34
N ALA A 148 9.72 -19.72 -7.25
CA ALA A 148 9.62 -20.88 -6.40
C ALA A 148 8.35 -21.68 -6.63
N LEU A 149 7.19 -21.02 -6.59
CA LEU A 149 5.92 -21.71 -6.81
C LEU A 149 5.83 -22.27 -8.23
N LEU A 150 6.26 -21.48 -9.23
CA LEU A 150 6.23 -21.95 -10.61
C LEU A 150 7.27 -23.04 -10.87
N SER A 151 8.43 -22.95 -10.21
CA SER A 151 9.44 -23.99 -10.38
C SER A 151 9.13 -25.25 -9.59
N GLY A 152 8.06 -25.23 -8.77
CA GLY A 152 7.63 -26.41 -8.06
C GLY A 152 6.53 -27.14 -8.80
N VAL A 153 5.61 -26.39 -9.40
CA VAL A 153 4.54 -27.03 -10.18
C VAL A 153 5.10 -27.69 -11.42
N ASP A 154 6.11 -27.08 -12.06
CA ASP A 154 6.70 -27.66 -13.26
C ASP A 154 7.57 -28.86 -12.92
N ASN A 155 8.39 -28.75 -11.87
CA ASN A 155 9.28 -29.84 -11.50
C ASN A 155 8.51 -31.08 -11.07
N ASN A 156 7.28 -30.91 -10.59
CA ASN A 156 6.40 -32.04 -10.32
C ASN A 156 5.58 -32.43 -11.54
N HIS A 157 5.22 -31.47 -12.40
CA HIS A 157 4.55 -31.80 -13.64
C HIS A 157 5.47 -32.53 -14.59
N LYS A 158 6.79 -32.26 -14.52
CA LYS A 158 7.77 -33.01 -15.28
C LYS A 158 8.07 -34.37 -14.64
N LEU A 159 7.59 -34.62 -13.43
CA LEU A 159 7.70 -35.93 -12.80
C LEU A 159 6.42 -36.75 -12.91
N LEU A 160 5.27 -36.09 -13.07
CA LEU A 160 4.02 -36.81 -13.22
C LEU A 160 3.94 -37.57 -14.53
N GLN A 161 4.78 -37.22 -15.50
CA GLN A 161 4.81 -37.89 -16.79
C GLN A 161 5.90 -38.95 -16.87
N GLN A 162 6.40 -39.42 -15.73
CA GLN A 162 7.36 -40.51 -15.69
C GLN A 162 6.70 -41.88 -15.79
N ALA A 163 5.37 -41.94 -15.77
CA ALA A 163 4.57 -43.15 -15.91
C ALA A 163 4.67 -44.05 -14.67
N THR A 164 5.53 -43.70 -13.72
CA THR A 164 5.53 -44.34 -12.42
C THR A 164 4.80 -43.51 -11.37
N TYR A 165 4.66 -42.21 -11.60
CA TYR A 165 3.86 -41.31 -10.78
C TYR A 165 2.63 -40.97 -11.61
N ARG A 166 1.60 -41.82 -11.51
CA ARG A 166 0.43 -41.68 -12.36
C ARG A 166 -0.39 -40.44 -12.01
N SER A 167 -0.35 -39.99 -10.77
CA SER A 167 -1.19 -38.90 -10.30
C SER A 167 -0.41 -38.10 -9.26
N PRO A 168 -0.82 -36.86 -9.00
CA PRO A 168 -0.11 -36.07 -7.97
C PRO A 168 -0.07 -36.75 -6.61
N ALA A 169 -1.15 -37.41 -6.20
CA ALA A 169 -1.13 -38.11 -4.93
C ALA A 169 -0.14 -39.27 -4.96
N GLU A 170 -0.11 -40.04 -6.05
CA GLU A 170 0.84 -41.14 -6.14
C GLU A 170 2.28 -40.62 -6.09
N LEU A 171 2.56 -39.52 -6.79
CA LEU A 171 3.87 -38.90 -6.70
C LEU A 171 4.15 -38.43 -5.28
N ALA A 172 3.11 -37.96 -4.58
CA ALA A 172 3.29 -37.46 -3.22
C ALA A 172 3.63 -38.60 -2.25
N VAL A 173 2.87 -39.70 -2.31
CA VAL A 173 3.08 -40.77 -1.35
C VAL A 173 4.20 -41.72 -1.75
N LYS A 174 4.63 -41.70 -3.01
CA LYS A 174 5.73 -42.56 -3.44
C LYS A 174 7.06 -41.85 -3.56
N LYS A 175 7.07 -40.52 -3.62
CA LYS A 175 8.30 -39.76 -3.72
C LYS A 175 8.49 -38.76 -2.59
N PHE A 176 7.45 -38.04 -2.18
CA PHE A 176 7.60 -37.02 -1.15
C PHE A 176 7.69 -37.63 0.25
N GLU A 177 6.66 -38.38 0.66
CA GLU A 177 6.66 -38.94 2.00
C GLU A 177 7.78 -39.97 2.17
N VAL A 178 8.20 -40.62 1.08
CA VAL A 178 9.21 -41.65 1.17
C VAL A 178 10.56 -41.07 1.57
N GLU A 179 10.95 -39.95 0.95
CA GLU A 179 12.28 -39.38 1.16
C GLU A 179 12.28 -38.18 2.09
N GLU A 180 11.41 -37.19 1.83
CA GLU A 180 11.41 -35.97 2.63
C GLU A 180 10.64 -36.10 3.93
N GLY A 181 9.77 -37.10 4.06
CA GLY A 181 9.06 -37.36 5.28
C GLY A 181 7.75 -36.60 5.45
N HIS A 182 7.43 -35.68 4.54
CA HIS A 182 6.17 -34.95 4.61
C HIS A 182 5.60 -34.81 3.20
N ILE A 183 4.29 -34.64 3.12
CA ILE A 183 3.58 -34.47 1.85
C ILE A 183 3.32 -32.99 1.57
N ARG A 184 2.77 -32.27 2.54
CA ARG A 184 2.43 -30.87 2.36
C ARG A 184 3.69 -30.01 2.37
N ASN A 185 3.54 -28.76 1.89
CA ASN A 185 4.65 -27.82 1.96
C ASN A 185 4.89 -27.39 3.40
N GLN A 186 6.11 -26.99 3.69
CA GLN A 186 6.50 -26.64 5.06
C GLN A 186 7.58 -25.58 5.05
N GLN A 187 7.50 -24.67 6.02
CA GLN A 187 8.57 -23.72 6.34
C GLN A 187 9.07 -22.98 5.10
N GLY A 188 8.13 -22.42 4.35
CA GLY A 188 8.48 -21.55 3.24
C GLY A 188 9.04 -22.26 2.03
N ALA A 189 8.83 -23.56 1.90
CA ALA A 189 9.26 -24.30 0.72
C ALA A 189 8.10 -24.47 -0.24
N TYR A 190 8.29 -24.06 -1.48
CA TYR A 190 7.23 -24.09 -2.48
C TYR A 190 7.35 -25.26 -3.45
N THR A 191 8.20 -26.23 -3.15
CA THR A 191 8.09 -27.54 -3.78
C THR A 191 6.87 -28.26 -3.20
N HIS A 192 6.60 -29.46 -3.72
CA HIS A 192 5.44 -30.27 -3.31
C HIS A 192 4.12 -29.61 -3.67
N THR A 193 4.12 -28.61 -4.54
CA THR A 193 2.91 -27.95 -4.99
C THR A 193 2.63 -28.30 -6.45
N PHE A 194 1.35 -28.39 -6.79
CA PHE A 194 0.93 -28.88 -8.09
C PHE A 194 0.03 -27.87 -8.78
N SER A 195 -0.02 -27.95 -10.11
CA SER A 195 -0.90 -27.11 -10.90
C SER A 195 -2.32 -27.64 -10.86
N ARG A 196 -3.28 -26.73 -11.05
CA ARG A 196 -4.68 -27.12 -11.04
C ARG A 196 -5.01 -28.07 -12.17
N LEU A 197 -4.28 -27.99 -13.29
CA LEU A 197 -4.50 -28.91 -14.39
C LEU A 197 -4.18 -30.34 -13.98
N ASP A 198 -3.09 -30.53 -13.23
CA ASP A 198 -2.73 -31.87 -12.78
C ASP A 198 -3.79 -32.45 -11.85
N LEU A 199 -4.32 -31.62 -10.95
CA LEU A 199 -5.34 -32.11 -10.01
C LEU A 199 -6.67 -32.36 -10.72
N LEU A 200 -7.00 -31.56 -11.74
CA LEU A 200 -8.18 -31.87 -12.54
C LEU A 200 -8.01 -33.18 -13.30
N ALA A 201 -6.80 -33.43 -13.80
CA ALA A 201 -6.51 -34.71 -14.44
C ALA A 201 -6.68 -35.85 -13.46
N GLU A 202 -6.23 -35.66 -12.21
CA GLU A 202 -6.47 -36.67 -11.18
C GLU A 202 -7.96 -36.87 -10.94
N MET A 203 -8.73 -35.79 -10.90
CA MET A 203 -10.19 -35.90 -10.74
C MET A 203 -10.78 -36.78 -11.84
N GLU A 204 -10.42 -36.47 -13.10
CA GLU A 204 -10.96 -37.23 -14.23
C GLU A 204 -10.56 -38.69 -14.15
N LEU A 205 -9.27 -38.96 -13.92
CA LEU A 205 -8.80 -40.34 -13.90
C LEU A 205 -9.39 -41.11 -12.73
N LEU A 206 -9.54 -40.47 -11.58
CA LEU A 206 -10.16 -41.11 -10.42
C LEU A 206 -11.60 -41.49 -10.73
N PHE A 207 -12.36 -40.57 -11.32
CA PHE A 207 -13.75 -40.88 -11.65
C PHE A 207 -13.83 -42.04 -12.63
N SER A 208 -13.02 -42.01 -13.69
CA SER A 208 -13.07 -43.08 -14.69
C SER A 208 -12.68 -44.42 -14.09
N ARG A 209 -11.59 -44.44 -13.32
CA ARG A 209 -11.11 -45.69 -12.74
C ARG A 209 -12.09 -46.23 -11.70
N GLN A 210 -12.81 -45.33 -11.00
CA GLN A 210 -13.82 -45.80 -10.06
C GLN A 210 -15.06 -46.30 -10.80
N GLN A 211 -15.32 -45.77 -11.99
CA GLN A 211 -16.32 -46.40 -12.87
C GLN A 211 -15.89 -47.82 -13.23
N HIS A 212 -14.59 -48.01 -13.49
CA HIS A 212 -14.12 -49.35 -13.86
C HIS A 212 -14.35 -50.36 -12.75
N PHE A 213 -14.26 -49.93 -11.48
CA PHE A 213 -14.48 -50.85 -10.37
C PHE A 213 -15.91 -50.83 -9.84
N GLY A 214 -16.63 -49.73 -10.01
CA GLY A 214 -18.04 -49.73 -9.66
C GLY A 214 -18.44 -48.82 -8.53
N ASN A 215 -17.78 -47.68 -8.38
CA ASN A 215 -18.23 -46.68 -7.42
C ASN A 215 -19.59 -46.15 -7.87
N PRO A 216 -20.64 -46.28 -7.07
CA PRO A 216 -21.96 -45.82 -7.52
C PRO A 216 -22.04 -44.33 -7.78
N PHE A 217 -21.11 -43.56 -7.21
CA PHE A 217 -21.17 -42.10 -7.24
C PHE A 217 -20.15 -41.50 -8.19
N ALA A 218 -19.74 -42.25 -9.20
CA ALA A 218 -18.86 -41.73 -10.25
C ALA A 218 -19.64 -41.02 -11.35
N SER A 219 -20.84 -40.56 -11.03
CA SER A 219 -21.68 -39.85 -11.98
C SER A 219 -20.92 -38.71 -12.63
N GLU A 220 -20.87 -38.71 -13.96
CA GLU A 220 -20.15 -37.67 -14.68
C GLU A 220 -20.77 -36.29 -14.47
N LYS A 221 -22.04 -36.23 -14.06
CA LYS A 221 -22.61 -34.97 -13.62
C LYS A 221 -21.85 -34.44 -12.41
N LEU A 222 -21.56 -35.33 -11.45
CA LEU A 222 -20.78 -34.94 -10.28
C LEU A 222 -19.38 -34.49 -10.69
N LEU A 223 -18.76 -35.19 -11.63
CA LEU A 223 -17.43 -34.79 -12.09
C LEU A 223 -17.46 -33.42 -12.76
N GLU A 224 -18.47 -33.16 -13.59
CA GLU A 224 -18.58 -31.86 -14.24
C GLU A 224 -18.74 -30.76 -13.21
N ASN A 225 -19.63 -30.97 -12.23
CA ASN A 225 -19.82 -29.96 -11.19
C ASN A 225 -18.55 -29.77 -10.36
N LEU A 226 -17.84 -30.86 -10.08
CA LEU A 226 -16.64 -30.76 -9.26
C LEU A 226 -15.50 -30.10 -10.02
N THR A 227 -15.42 -30.30 -11.33
CA THR A 227 -14.48 -29.53 -12.13
C THR A 227 -14.86 -28.05 -12.15
N ALA A 228 -16.16 -27.75 -12.17
CA ALA A 228 -16.59 -26.37 -12.05
C ALA A 228 -16.14 -25.75 -10.74
N LEU A 229 -16.26 -26.52 -9.64
CA LEU A 229 -15.75 -26.04 -8.35
C LEU A 229 -14.24 -25.85 -8.39
N LEU A 230 -13.49 -26.85 -8.85
CA LEU A 230 -12.04 -26.85 -8.85
C LEU A 230 -11.45 -25.99 -9.97
N MET A 231 -12.27 -25.30 -10.75
CA MET A 231 -11.73 -24.42 -11.80
C MET A 231 -12.24 -22.99 -11.73
N TRP A 232 -13.33 -22.70 -11.04
CA TRP A 232 -13.89 -21.36 -11.06
C TRP A 232 -13.14 -20.44 -10.11
N GLN A 233 -12.66 -19.33 -10.64
CA GLN A 233 -12.13 -18.24 -9.84
C GLN A 233 -12.47 -16.93 -10.55
N LYS A 234 -12.78 -15.91 -9.76
CA LYS A 234 -13.24 -14.65 -10.34
C LYS A 234 -12.15 -14.04 -11.22
N PRO A 235 -12.49 -13.42 -12.33
CA PRO A 235 -11.50 -12.66 -13.10
C PRO A 235 -11.06 -11.43 -12.32
N ALA A 236 -9.75 -11.16 -12.34
CA ALA A 236 -9.22 -10.06 -11.55
C ALA A 236 -9.84 -8.73 -11.96
N LEU A 237 -9.92 -8.48 -13.27
CA LEU A 237 -10.54 -7.28 -13.82
C LEU A 237 -11.79 -7.72 -14.58
N SER A 238 -12.96 -7.34 -14.07
CA SER A 238 -14.23 -7.75 -14.66
C SER A 238 -15.04 -6.50 -14.97
N GLY A 239 -15.04 -6.10 -16.23
CA GLY A 239 -15.89 -5.00 -16.68
C GLY A 239 -15.29 -3.64 -16.46
N GLU A 240 -16.03 -2.78 -15.76
CA GLU A 240 -15.69 -1.36 -15.63
C GLU A 240 -14.44 -1.10 -14.80
N ALA A 241 -13.78 -2.15 -14.30
CA ALA A 241 -12.64 -1.98 -13.40
C ALA A 241 -11.63 -0.99 -13.95
N ILE A 242 -11.10 -1.26 -15.15
CA ILE A 242 -10.14 -0.35 -15.77
C ILE A 242 -10.74 1.04 -15.92
N LEU A 243 -11.99 1.10 -16.38
CA LEU A 243 -12.68 2.39 -16.50
C LEU A 243 -12.73 3.11 -15.17
N LYS A 244 -12.93 2.38 -14.07
CA LYS A 244 -13.02 3.03 -12.76
C LYS A 244 -11.68 3.61 -12.32
N MET A 245 -10.58 3.19 -12.92
CA MET A 245 -9.26 3.71 -12.54
C MET A 245 -8.71 4.70 -13.56
N LEU A 246 -9.13 4.61 -14.82
CA LEU A 246 -8.61 5.51 -15.85
C LEU A 246 -9.02 6.95 -15.59
N GLY A 247 -10.17 7.17 -14.96
CA GLY A 247 -10.65 8.49 -14.67
C GLY A 247 -9.71 9.32 -13.82
N LYS A 248 -9.40 10.53 -14.27
CA LYS A 248 -8.50 11.41 -13.54
C LYS A 248 -9.25 12.16 -12.45
N PHE A 251 -6.57 16.16 -21.67
CA PHE A 251 -7.58 16.72 -20.79
C PHE A 251 -8.98 16.51 -21.34
N GLU A 252 -9.69 17.62 -21.58
CA GLU A 252 -11.10 17.58 -21.97
C GLU A 252 -11.89 16.72 -21.01
N ASP A 253 -12.80 15.89 -21.54
CA ASP A 253 -13.50 14.93 -20.69
C ASP A 253 -13.62 13.54 -21.27
N GLU A 254 -13.50 13.35 -22.59
CA GLU A 254 -13.68 12.03 -23.18
C GLU A 254 -12.60 11.07 -22.69
N TYR A 255 -12.93 9.78 -22.70
CA TYR A 255 -12.03 8.75 -22.20
C TYR A 255 -10.69 8.81 -22.94
N LYS A 256 -9.60 8.69 -22.17
CA LYS A 256 -8.28 8.70 -22.77
C LYS A 256 -8.10 7.47 -23.65
N ALA A 257 -7.63 7.67 -24.88
CA ALA A 257 -7.57 6.59 -25.85
C ALA A 257 -6.49 5.58 -25.48
N ALA A 258 -6.66 4.36 -25.99
CA ALA A 258 -5.66 3.32 -25.79
C ALA A 258 -4.44 3.59 -26.67
N LYS A 259 -3.30 3.06 -26.24
CA LYS A 259 -2.07 3.25 -27.01
C LYS A 259 -2.06 2.38 -28.27
N ASN A 260 -2.59 1.15 -28.18
CA ASN A 260 -2.61 0.22 -29.30
C ASN A 260 -3.77 0.47 -30.24
N THR A 261 -4.35 1.67 -30.20
CA THR A 261 -5.39 2.09 -31.12
C THR A 261 -4.76 2.78 -32.33
N TYR A 262 -5.25 2.44 -33.52
CA TYR A 262 -4.68 2.97 -34.75
C TYR A 262 -4.66 4.50 -34.74
N SER A 263 -5.70 5.13 -34.20
CA SER A 263 -5.71 6.59 -34.13
C SER A 263 -4.58 7.11 -33.24
N ALA A 264 -4.40 6.52 -32.07
CA ALA A 264 -3.32 6.97 -31.18
C ALA A 264 -1.96 6.58 -31.74
N GLU A 265 -1.86 5.41 -32.39
CA GLU A 265 -0.61 5.03 -33.02
C GLU A 265 -0.22 6.01 -34.11
N ARG A 266 -1.18 6.42 -34.94
CA ARG A 266 -0.91 7.42 -35.97
C ARG A 266 -0.64 8.79 -35.36
N PHE A 267 -1.25 9.10 -34.22
CA PHE A 267 -0.90 10.34 -33.53
C PHE A 267 0.56 10.33 -33.11
N VAL A 268 1.03 9.22 -32.54
CA VAL A 268 2.44 9.10 -32.18
C VAL A 268 3.31 9.22 -33.43
N TRP A 269 2.88 8.58 -34.52
CA TRP A 269 3.68 8.59 -35.74
C TRP A 269 3.80 10.01 -36.32
N ILE A 270 2.68 10.72 -36.43
CA ILE A 270 2.72 12.08 -36.97
C ILE A 270 3.41 13.03 -36.00
N THR A 271 3.26 12.82 -34.69
CA THR A 271 3.98 13.64 -33.72
C THR A 271 5.48 13.46 -33.87
N LYS A 272 5.93 12.22 -34.06
CA LYS A 272 7.34 11.98 -34.32
C LYS A 272 7.78 12.63 -35.64
N LEU A 273 7.00 12.42 -36.70
CA LEU A 273 7.42 12.83 -38.04
C LEU A 273 7.48 14.35 -38.16
N ASN A 274 6.44 15.05 -37.71
CA ASN A 274 6.46 16.51 -37.74
C ASN A 274 7.57 17.06 -36.85
N ASN A 275 7.76 16.46 -35.68
CA ASN A 275 8.83 16.85 -34.78
C ASN A 275 10.14 16.14 -35.11
N LEU A 276 10.21 15.47 -36.25
CA LEU A 276 11.45 14.84 -36.71
C LEU A 276 12.27 15.85 -37.51
N ARG A 277 12.84 16.81 -36.79
CA ARG A 277 13.63 17.85 -37.42
C ARG A 277 14.95 17.26 -37.92
N ILE A 278 15.44 17.82 -39.02
CA ILE A 278 16.65 17.34 -39.66
C ILE A 278 17.79 18.29 -39.31
N GLN A 279 18.81 17.78 -38.62
CA GLN A 279 19.97 18.56 -38.22
C GLN A 279 21.12 18.24 -39.17
N GLU A 280 21.17 18.98 -40.28
CA GLU A 280 22.22 18.82 -41.28
C GLU A 280 22.80 20.17 -41.64
N ASN A 281 24.12 20.20 -41.82
CA ASN A 281 24.85 21.42 -42.16
C ASN A 281 24.63 22.52 -41.11
N GLY A 282 24.50 22.13 -39.85
CA GLY A 282 24.23 23.09 -38.79
C GLY A 282 22.88 23.76 -38.88
N LEU A 283 21.92 23.15 -39.58
CA LEU A 283 20.61 23.73 -39.78
C LEU A 283 19.53 22.71 -39.39
N GLU A 284 18.45 23.21 -38.81
CA GLU A 284 17.31 22.38 -38.44
C GLU A 284 16.20 22.63 -39.45
N ARG A 285 15.86 21.61 -40.24
CA ARG A 285 14.84 21.71 -41.28
C ARG A 285 13.78 20.64 -41.05
N ALA A 286 12.52 21.05 -41.09
CA ALA A 286 11.42 20.11 -40.99
C ALA A 286 11.25 19.37 -42.31
N LEU A 287 10.43 18.32 -42.28
CA LEU A 287 10.13 17.57 -43.49
C LEU A 287 9.18 18.37 -44.36
N ASN A 288 9.56 18.59 -45.62
CA ASN A 288 8.61 19.14 -46.56
C ASN A 288 7.54 18.09 -46.87
N ASP A 289 6.41 18.55 -47.40
CA ASP A 289 5.27 17.66 -47.59
C ASP A 289 5.63 16.46 -48.47
N ASN A 290 6.56 16.64 -49.42
CA ASN A 290 6.99 15.52 -50.26
C ASN A 290 7.65 14.43 -49.42
N GLU A 291 8.56 14.81 -48.52
CA GLU A 291 9.28 13.83 -47.73
C GLU A 291 8.34 13.04 -46.82
N ARG A 292 7.42 13.75 -46.15
CA ARG A 292 6.48 13.05 -45.28
C ARG A 292 5.52 12.19 -46.08
N LEU A 293 5.02 12.69 -47.22
CA LEU A 293 4.18 11.86 -48.07
C LEU A 293 4.92 10.58 -48.46
N ALA A 294 6.23 10.68 -48.64
CA ALA A 294 7.03 9.47 -48.84
C ALA A 294 7.02 8.58 -47.60
N LEU A 295 7.14 9.18 -46.41
CA LEU A 295 7.20 8.42 -45.16
C LEU A 295 5.90 8.44 -44.36
N MET A 296 4.79 8.91 -44.94
CA MET A 296 3.56 9.03 -44.15
C MET A 296 3.08 7.66 -43.67
N GLU A 297 2.96 6.70 -44.57
CA GLU A 297 2.42 5.38 -44.27
C GLU A 297 3.46 4.30 -44.56
N GLN A 298 4.72 4.58 -44.27
CA GLN A 298 5.82 3.65 -44.55
C GLN A 298 5.93 2.52 -43.52
N PRO A 299 5.84 2.80 -42.19
CA PRO A 299 6.03 1.71 -41.21
C PRO A 299 4.86 0.73 -41.17
N TYR A 300 3.95 0.82 -42.13
CA TYR A 300 2.83 -0.11 -42.22
C TYR A 300 3.15 -1.31 -43.11
N ASP A 301 4.01 -1.12 -44.12
CA ASP A 301 4.45 -2.21 -44.97
C ASP A 301 5.72 -2.88 -44.45
N LYS A 302 6.25 -2.42 -43.31
CA LYS A 302 7.40 -3.04 -42.68
C LYS A 302 7.18 -3.05 -41.17
N ASN A 303 7.70 -4.08 -40.50
CA ASN A 303 7.49 -4.23 -39.07
C ASN A 303 8.20 -3.16 -38.26
N ARG A 304 9.18 -2.48 -38.83
CA ARG A 304 9.89 -1.41 -38.13
C ARG A 304 10.52 -0.48 -39.14
N LEU A 305 10.40 0.83 -38.89
CA LEU A 305 10.96 1.86 -39.75
C LEU A 305 12.31 2.26 -39.17
N PHE A 306 13.37 1.62 -39.64
CA PHE A 306 14.72 1.92 -39.18
C PHE A 306 15.16 3.28 -39.71
N TYR A 307 16.23 3.81 -39.12
CA TYR A 307 16.71 5.12 -39.55
C TYR A 307 17.35 5.05 -40.94
N SER A 308 18.08 3.97 -41.23
CA SER A 308 18.67 3.81 -42.55
C SER A 308 17.59 3.67 -43.61
N GLN A 309 16.42 3.17 -43.24
CA GLN A 309 15.29 3.15 -44.16
C GLN A 309 14.88 4.57 -44.54
N VAL A 310 14.85 5.48 -43.56
CA VAL A 310 14.63 6.89 -43.85
C VAL A 310 15.79 7.44 -44.68
N ARG A 311 17.00 6.96 -44.42
CA ARG A 311 18.20 7.40 -45.11
C ARG A 311 18.22 7.03 -46.59
N SER A 312 17.18 6.33 -47.07
CA SER A 312 17.06 5.96 -48.48
C SER A 312 15.84 6.58 -49.14
N ILE A 313 14.68 6.52 -48.49
CA ILE A 313 13.46 7.03 -49.10
C ILE A 313 13.54 8.54 -49.30
N LEU A 314 14.18 9.26 -48.38
CA LEU A 314 14.22 10.71 -48.42
C LEU A 314 15.50 11.26 -49.05
N LYS A 315 16.33 10.39 -49.63
CA LYS A 315 17.58 10.79 -50.28
C LYS A 315 18.45 11.59 -49.31
N LEU A 316 18.83 10.93 -48.22
CA LEU A 316 19.58 11.60 -47.16
C LEU A 316 20.96 12.00 -47.66
N SER A 317 21.36 13.23 -47.34
CA SER A 317 22.68 13.75 -47.70
C SER A 317 23.66 13.33 -46.61
N ASP A 318 24.26 12.16 -46.80
CA ASP A 318 25.19 11.60 -45.83
C ASP A 318 26.40 12.50 -45.60
N ILE A 321 21.72 14.40 -40.67
CA ILE A 321 22.21 13.74 -39.47
C ILE A 321 21.13 13.71 -38.40
N PHE A 322 19.91 13.36 -38.82
CA PHE A 322 18.73 13.26 -37.97
C PHE A 322 18.64 14.41 -36.96
N LYS A 323 18.12 14.16 -35.76
CA LYS A 323 18.13 15.18 -34.72
C LYS A 323 18.90 14.74 -33.47
N GLY A 324 18.51 13.64 -32.83
CA GLY A 324 19.08 13.24 -31.56
C GLY A 324 19.86 11.94 -31.60
N LEU A 325 19.20 10.86 -31.18
CA LEU A 325 19.71 9.49 -31.30
C LEU A 325 21.06 9.41 -30.58
N ARG A 326 22.09 8.83 -31.19
CA ARG A 326 23.40 8.71 -30.55
C ARG A 326 24.50 8.55 -31.59
N ILE A 335 26.28 3.00 -39.46
CA ILE A 335 27.07 3.42 -38.31
C ILE A 335 26.24 3.31 -37.04
N GLU A 336 25.92 2.07 -36.66
CA GLU A 336 24.95 1.79 -35.58
C GLU A 336 23.60 2.44 -35.85
N THR A 337 23.33 2.72 -37.13
CA THR A 337 22.10 3.36 -37.56
C THR A 337 20.87 2.49 -37.30
N LYS A 338 21.05 1.19 -37.10
CA LYS A 338 19.95 0.24 -37.05
C LYS A 338 19.12 0.41 -35.79
N ALA A 339 18.39 1.53 -35.70
CA ALA A 339 17.48 1.84 -34.62
C ALA A 339 16.03 1.72 -35.12
N VAL A 340 15.08 2.11 -34.28
CA VAL A 340 13.67 2.08 -34.63
C VAL A 340 13.08 3.47 -34.41
N LEU A 341 12.43 4.00 -35.44
CA LEU A 341 11.73 5.28 -35.31
C LEU A 341 10.30 5.07 -34.80
N MET A 342 9.53 4.24 -35.50
CA MET A 342 8.15 3.97 -35.11
C MET A 342 7.72 2.64 -35.67
N GLU A 343 7.36 1.70 -34.81
CA GLU A 343 6.74 0.44 -35.21
C GLU A 343 5.33 0.42 -34.67
N MET A 344 4.35 0.36 -35.57
CA MET A 344 2.96 0.17 -35.15
C MET A 344 2.81 -1.28 -34.72
N LYS A 345 3.26 -1.55 -33.49
CA LYS A 345 3.24 -2.92 -32.98
C LYS A 345 1.81 -3.48 -32.97
N ALA A 346 0.85 -2.66 -32.55
CA ALA A 346 -0.55 -3.09 -32.58
C ALA A 346 -0.95 -3.52 -33.98
N TYR A 347 -0.69 -2.67 -34.97
CA TYR A 347 -1.06 -2.98 -36.36
C TYR A 347 -0.45 -4.30 -36.82
N HIS A 348 0.83 -4.50 -36.53
CA HIS A 348 1.50 -5.73 -36.97
C HIS A 348 1.20 -6.93 -36.09
N GLN A 349 0.71 -6.72 -34.86
CA GLN A 349 0.29 -7.88 -34.06
C GLN A 349 -1.04 -8.43 -34.53
N ILE A 350 -2.00 -7.57 -34.88
CA ILE A 350 -3.30 -8.05 -35.32
C ILE A 350 -3.17 -8.85 -36.62
N ARG A 351 -2.29 -8.42 -37.52
CA ARG A 351 -2.13 -9.13 -38.78
C ARG A 351 -1.49 -10.50 -38.55
N LYS A 352 -0.31 -10.54 -37.92
CA LYS A 352 0.41 -11.79 -37.77
C LYS A 352 -0.39 -12.82 -36.99
N VAL A 353 -1.42 -12.41 -36.28
CA VAL A 353 -2.40 -13.33 -35.72
C VAL A 353 -3.47 -13.69 -36.74
N LEU A 354 -4.06 -12.67 -37.37
CA LEU A 354 -5.10 -12.93 -38.37
C LEU A 354 -4.54 -13.40 -39.70
N GLU A 355 -3.30 -13.02 -40.03
CA GLU A 355 -2.69 -13.52 -41.26
C GLU A 355 -2.49 -15.03 -41.20
N GLY A 356 -2.26 -15.56 -40.00
CA GLY A 356 -2.29 -16.99 -39.81
C GLY A 356 -3.71 -17.51 -39.73
N ASN A 357 -3.81 -18.82 -39.49
CA ASN A 357 -5.10 -19.52 -39.43
C ASN A 357 -5.94 -19.31 -40.68
N ASN A 358 -5.29 -18.97 -41.80
CA ASN A 358 -5.94 -18.81 -43.11
C ASN A 358 -7.09 -17.80 -43.04
N LEU A 359 -6.89 -16.72 -42.28
CA LEU A 359 -7.84 -15.61 -42.21
C LEU A 359 -7.33 -14.40 -43.00
N LYS A 360 -6.69 -14.66 -44.13
CA LYS A 360 -6.08 -13.60 -44.92
C LYS A 360 -7.11 -12.60 -45.43
N ALA A 361 -8.26 -13.09 -45.89
CA ALA A 361 -9.22 -12.23 -46.57
C ALA A 361 -9.76 -11.15 -45.63
N GLU A 362 -10.07 -11.52 -44.38
CA GLU A 362 -10.60 -10.53 -43.45
C GLU A 362 -9.59 -9.44 -43.16
N TRP A 363 -8.31 -9.80 -43.00
CA TRP A 363 -7.30 -8.79 -42.71
C TRP A 363 -7.17 -7.81 -43.86
N ALA A 364 -7.21 -8.30 -45.10
CA ALA A 364 -7.10 -7.41 -46.25
C ALA A 364 -8.23 -6.40 -46.27
N GLU A 365 -9.46 -6.85 -45.99
CA GLU A 365 -10.55 -5.90 -45.77
C GLU A 365 -10.33 -5.08 -44.52
N LEU A 366 -9.70 -5.66 -43.50
CA LEU A 366 -9.42 -4.97 -42.24
C LEU A 366 -8.15 -4.15 -42.28
N LYS A 367 -7.36 -4.24 -43.36
CA LYS A 367 -6.13 -3.45 -43.44
C LYS A 367 -6.40 -1.97 -43.35
N ALA A 368 -7.56 -1.50 -43.84
CA ALA A 368 -7.86 -0.12 -43.52
C ALA A 368 -8.79 -0.03 -42.30
N ASN A 369 -10.10 -0.32 -42.51
CA ASN A 369 -11.14 -0.33 -41.48
C ASN A 369 -10.78 0.55 -40.29
N PRO A 370 -10.47 1.83 -40.50
CA PRO A 370 -9.85 2.60 -39.40
C PRO A 370 -10.69 2.64 -38.15
N THR A 371 -12.02 2.74 -38.29
CA THR A 371 -12.92 2.59 -37.16
C THR A 371 -12.80 1.19 -36.55
N LEU A 372 -12.87 0.15 -37.38
CA LEU A 372 -12.84 -1.22 -36.87
C LEU A 372 -11.52 -1.53 -36.19
N LEU A 373 -10.40 -1.16 -36.83
CA LEU A 373 -9.09 -1.38 -36.22
C LEU A 373 -8.98 -0.62 -34.90
N ASP A 374 -9.56 0.57 -34.84
CA ASP A 374 -9.54 1.34 -33.60
C ASP A 374 -10.36 0.65 -32.51
N GLU A 375 -11.50 0.07 -32.88
CA GLU A 375 -12.41 -0.50 -31.90
C GLU A 375 -11.94 -1.85 -31.35
N ILE A 376 -10.99 -2.52 -32.01
CA ILE A 376 -10.45 -3.75 -31.46
C ILE A 376 -9.40 -3.45 -30.39
N GLY A 377 -8.62 -2.39 -30.58
CA GLY A 377 -7.69 -1.98 -29.54
C GLY A 377 -8.38 -1.29 -28.39
N THR A 378 -9.54 -0.68 -28.65
CA THR A 378 -10.30 -0.06 -27.57
C THR A 378 -10.93 -1.11 -26.66
N ALA A 379 -11.24 -2.29 -27.19
CA ALA A 379 -11.81 -3.35 -26.37
C ALA A 379 -10.74 -4.17 -25.65
N PHE A 380 -9.74 -4.66 -26.38
CA PHE A 380 -8.73 -5.52 -25.78
C PHE A 380 -7.89 -4.78 -24.74
N SER A 381 -7.92 -3.44 -24.73
CA SER A 381 -7.23 -2.65 -23.73
C SER A 381 -8.13 -2.22 -22.57
N LEU A 382 -9.40 -1.95 -22.85
CA LEU A 382 -10.34 -1.50 -21.84
C LEU A 382 -11.04 -2.66 -21.13
N TYR A 383 -11.30 -3.76 -21.83
CA TYR A 383 -11.89 -4.95 -21.24
C TYR A 383 -10.99 -6.14 -21.53
N LYS A 384 -10.84 -7.02 -20.54
CA LYS A 384 -9.99 -8.20 -20.68
C LYS A 384 -10.74 -9.52 -20.61
N THR A 385 -11.90 -9.57 -19.97
CA THR A 385 -12.69 -10.79 -19.98
C THR A 385 -13.14 -11.13 -21.39
N ASP A 386 -13.00 -12.42 -21.76
CA ASP A 386 -13.39 -12.85 -23.10
C ASP A 386 -14.84 -12.49 -23.37
N GLU A 387 -15.72 -12.71 -22.40
CA GLU A 387 -17.12 -12.29 -22.54
C GLU A 387 -17.23 -10.78 -22.71
N ASP A 388 -16.48 -10.02 -21.91
CA ASP A 388 -16.56 -8.57 -21.98
C ASP A 388 -15.89 -8.01 -23.24
N ILE A 389 -14.87 -8.68 -23.75
CA ILE A 389 -14.26 -8.26 -25.01
C ILE A 389 -15.21 -8.55 -26.17
N SER A 390 -15.84 -9.73 -26.18
CA SER A 390 -16.77 -10.06 -27.25
C SER A 390 -17.98 -9.15 -27.24
N ALA A 391 -18.34 -8.60 -26.08
CA ALA A 391 -19.49 -7.71 -26.00
C ALA A 391 -19.23 -6.38 -26.69
N TYR A 392 -18.05 -5.80 -26.49
CA TYR A 392 -17.75 -4.50 -27.08
C TYR A 392 -17.73 -4.59 -28.60
N LEU A 393 -17.11 -5.63 -29.15
CA LEU A 393 -17.18 -5.90 -30.59
C LEU A 393 -18.50 -6.60 -30.85
N ALA A 394 -19.55 -5.81 -31.05
CA ALA A 394 -20.90 -6.36 -31.19
C ALA A 394 -21.07 -7.03 -32.54
N GLY A 395 -20.38 -8.14 -32.76
CA GLY A 395 -20.41 -8.82 -34.04
C GLY A 395 -19.75 -8.06 -35.16
N LYS A 396 -19.10 -6.93 -34.86
CA LYS A 396 -18.47 -6.12 -35.87
C LYS A 396 -17.23 -6.80 -36.46
N LEU A 397 -16.70 -7.79 -35.78
CA LEU A 397 -15.67 -8.67 -36.33
C LEU A 397 -16.22 -10.09 -36.33
N SER A 398 -15.93 -10.83 -37.40
CA SER A 398 -16.42 -12.19 -37.52
C SER A 398 -15.97 -13.03 -36.33
N GLN A 399 -16.91 -13.77 -35.75
CA GLN A 399 -16.59 -14.58 -34.58
C GLN A 399 -15.45 -15.56 -34.83
N PRO A 400 -15.31 -16.21 -35.99
CA PRO A 400 -14.07 -16.96 -36.25
C PRO A 400 -12.82 -16.11 -36.13
N VAL A 401 -12.86 -14.87 -36.61
CA VAL A 401 -11.75 -13.94 -36.40
C VAL A 401 -11.69 -13.52 -34.93
N LEU A 402 -12.85 -13.24 -34.34
CA LEU A 402 -12.90 -12.82 -32.94
C LEU A 402 -12.34 -13.89 -32.02
N ASN A 403 -12.58 -15.17 -32.34
CA ASN A 403 -12.01 -16.25 -31.55
C ASN A 403 -10.49 -16.24 -31.60
N ALA A 404 -9.92 -16.05 -32.79
CA ALA A 404 -8.46 -16.00 -32.91
C ALA A 404 -7.88 -14.83 -32.14
N LEU A 405 -8.49 -13.65 -32.26
CA LEU A 405 -7.97 -12.49 -31.54
C LEU A 405 -8.12 -12.66 -30.03
N LEU A 406 -9.25 -13.22 -29.58
CA LEU A 406 -9.45 -13.49 -28.16
C LEU A 406 -8.43 -14.49 -27.63
N GLU A 407 -8.02 -15.44 -28.46
CA GLU A 407 -7.09 -16.47 -28.01
C GLU A 407 -5.62 -16.10 -28.19
N ASN A 408 -5.31 -15.03 -28.94
CA ASN A 408 -3.91 -14.77 -29.28
C ASN A 408 -3.43 -13.33 -29.06
N LEU A 409 -4.29 -12.39 -28.69
CA LEU A 409 -3.91 -10.99 -28.67
C LEU A 409 -4.32 -10.31 -27.36
N SER A 410 -3.43 -9.47 -26.84
CA SER A 410 -3.69 -8.68 -25.63
C SER A 410 -3.02 -7.31 -25.77
N PHE A 411 -3.70 -6.27 -25.28
CA PHE A 411 -3.23 -4.90 -25.37
C PHE A 411 -3.50 -4.24 -24.02
N ASP A 412 -2.50 -3.59 -23.43
CA ASP A 412 -2.63 -3.17 -22.03
C ASP A 412 -2.03 -1.81 -21.73
N LYS A 413 -2.14 -0.85 -22.64
CA LYS A 413 -1.64 0.51 -22.39
C LYS A 413 -2.78 1.52 -22.57
N PHE A 414 -2.47 2.79 -22.33
CA PHE A 414 -3.43 3.87 -22.53
C PHE A 414 -2.69 5.19 -22.71
N ILE A 415 -3.14 5.99 -23.68
CA ILE A 415 -2.48 7.23 -24.04
C ILE A 415 -3.21 8.42 -23.41
N GLN A 416 -2.55 9.57 -23.37
CA GLN A 416 -3.10 10.79 -22.78
C GLN A 416 -3.79 11.66 -23.82
N LEU A 417 -4.72 11.09 -24.58
CA LEU A 417 -5.41 11.85 -25.62
C LEU A 417 -6.81 11.28 -25.80
N SER A 418 -7.82 12.15 -25.66
CA SER A 418 -9.20 11.71 -25.91
C SER A 418 -9.34 11.27 -27.34
N LEU A 419 -9.88 10.06 -27.54
CA LEU A 419 -10.04 9.53 -28.89
C LEU A 419 -10.98 10.39 -29.71
N LYS A 420 -12.01 10.96 -29.09
CA LYS A 420 -12.90 11.89 -29.79
C LYS A 420 -12.11 13.11 -30.29
N ALA A 421 -11.20 13.62 -29.48
CA ALA A 421 -10.32 14.70 -29.90
C ALA A 421 -9.22 14.22 -30.84
N LEU A 422 -9.00 12.92 -30.95
CA LEU A 422 -7.99 12.42 -31.88
C LEU A 422 -8.48 12.50 -33.32
N TYR A 423 -9.76 12.22 -33.56
CA TYR A 423 -10.30 12.25 -34.92
C TYR A 423 -10.22 13.63 -35.54
N LYS A 424 -10.09 14.69 -34.74
CA LYS A 424 -10.04 16.05 -35.25
C LYS A 424 -8.66 16.68 -35.19
N LEU A 425 -7.82 16.27 -34.24
CA LEU A 425 -6.50 16.87 -34.09
C LEU A 425 -5.43 16.10 -34.88
N LEU A 426 -5.63 14.80 -35.09
CA LEU A 426 -4.70 14.05 -35.92
C LEU A 426 -4.68 14.51 -37.37
N PRO A 427 -5.83 14.72 -38.05
CA PRO A 427 -5.75 15.09 -39.47
C PRO A 427 -4.96 16.36 -39.74
N LEU A 428 -5.03 17.34 -38.83
CA LEU A 428 -4.29 18.59 -39.05
C LEU A 428 -2.79 18.36 -39.01
N MET A 429 -2.31 17.53 -38.09
CA MET A 429 -0.89 17.20 -38.02
C MET A 429 -0.46 16.18 -39.05
N GLN A 430 -1.25 15.94 -40.09
CA GLN A 430 -0.88 14.93 -41.08
C GLN A 430 0.50 15.24 -41.67
N GLN A 431 0.68 16.44 -42.20
CA GLN A 431 2.04 16.92 -42.37
C GLN A 431 2.18 18.42 -42.10
N GLY A 432 1.07 19.17 -42.09
CA GLY A 432 1.19 20.61 -42.18
C GLY A 432 1.34 21.40 -40.88
N LEU A 433 0.94 20.80 -39.77
CA LEU A 433 0.78 21.54 -38.52
C LEU A 433 1.47 20.78 -37.38
N ARG A 434 1.53 21.43 -36.23
CA ARG A 434 2.10 20.87 -35.02
C ARG A 434 1.05 20.82 -33.92
N TYR A 435 1.37 20.13 -32.83
CA TYR A 435 0.42 19.92 -31.75
C TYR A 435 -0.04 21.24 -31.14
N ASP A 436 0.90 22.14 -30.87
CA ASP A 436 0.54 23.43 -30.29
C ASP A 436 -0.33 24.23 -31.26
N GLU A 437 0.04 24.24 -32.54
CA GLU A 437 -0.75 24.97 -33.53
C GLU A 437 -2.10 24.31 -33.78
N ALA A 438 -2.13 22.97 -33.81
CA ALA A 438 -3.39 22.28 -34.07
C ALA A 438 -4.40 22.49 -32.95
N CYS A 439 -3.95 22.43 -31.69
CA CYS A 439 -4.86 22.66 -30.57
C CYS A 439 -5.36 24.10 -30.55
N ARG A 440 -4.47 25.06 -30.88
CA ARG A 440 -4.88 26.45 -30.93
C ARG A 440 -5.95 26.68 -32.00
N GLU A 441 -5.83 25.99 -33.14
CA GLU A 441 -6.85 26.06 -34.17
C GLU A 441 -8.16 25.41 -33.72
N ILE A 442 -8.12 24.53 -32.72
CA ILE A 442 -9.31 23.88 -32.19
C ILE A 442 -9.71 24.50 -30.84
N TYR A 443 -9.01 25.56 -30.41
CA TYR A 443 -9.21 26.24 -29.12
C TYR A 443 -10.63 26.21 -28.56
N PHE A 457 -11.94 29.85 0.12
CA PHE A 457 -10.50 29.95 -0.02
C PHE A 457 -9.95 28.82 -0.87
N LEU A 458 -8.93 28.14 -0.36
CA LEU A 458 -8.36 27.00 -1.07
C LEU A 458 -9.38 25.89 -1.15
N PRO A 459 -9.76 25.42 -2.34
CA PRO A 459 -10.74 24.34 -2.44
C PRO A 459 -10.14 23.01 -1.99
N GLN A 460 -11.02 22.05 -1.75
CA GLN A 460 -10.59 20.73 -1.29
C GLN A 460 -9.71 20.07 -2.35
N ILE A 461 -8.73 19.31 -1.88
CA ILE A 461 -7.87 18.56 -2.80
C ILE A 461 -8.74 17.53 -3.52
N PRO A 462 -8.59 17.36 -4.84
CA PRO A 462 -9.36 16.31 -5.52
C PRO A 462 -8.87 14.92 -5.14
N ALA A 463 -9.66 14.23 -4.32
CA ALA A 463 -9.21 12.97 -3.75
C ALA A 463 -9.04 11.91 -4.83
N ASP A 464 -10.01 11.79 -5.75
CA ASP A 464 -9.93 10.80 -6.82
C ASP A 464 -8.69 11.00 -7.67
N GLU A 465 -8.25 12.25 -7.86
CA GLU A 465 -7.04 12.53 -8.63
C GLU A 465 -5.77 12.35 -7.82
N ILE A 466 -5.87 12.17 -6.51
CA ILE A 466 -4.72 11.90 -5.65
C ILE A 466 -5.02 10.61 -4.90
N ARG A 467 -4.64 9.48 -5.49
CA ARG A 467 -4.87 8.17 -4.88
C ARG A 467 -3.62 7.67 -4.16
N ASN A 468 -3.18 8.48 -3.19
CA ASN A 468 -2.02 8.13 -2.38
C ASN A 468 -2.18 8.78 -1.02
N PRO A 469 -2.40 8.00 0.04
CA PRO A 469 -2.78 8.58 1.34
C PRO A 469 -1.78 9.58 1.90
N VAL A 470 -0.48 9.34 1.73
CA VAL A 470 0.53 10.26 2.27
C VAL A 470 0.41 11.62 1.62
N VAL A 471 0.38 11.64 0.28
CA VAL A 471 0.30 12.89 -0.45
C VAL A 471 -0.99 13.63 -0.12
N LEU A 472 -2.12 12.90 -0.11
CA LEU A 472 -3.40 13.53 0.18
C LEU A 472 -3.43 14.10 1.59
N ARG A 473 -2.90 13.36 2.57
CA ARG A 473 -2.87 13.84 3.95
C ARG A 473 -2.04 15.12 4.06
N THR A 474 -0.85 15.12 3.47
CA THR A 474 -0.01 16.32 3.55
C THR A 474 -0.69 17.50 2.86
N LEU A 475 -1.28 17.27 1.68
CA LEU A 475 -1.94 18.38 0.97
C LEU A 475 -3.12 18.92 1.76
N THR A 476 -3.92 18.05 2.37
CA THR A 476 -5.11 18.56 3.06
C THR A 476 -4.72 19.28 4.34
N GLN A 477 -3.67 18.83 5.04
CA GLN A 477 -3.24 19.57 6.22
C GLN A 477 -2.59 20.90 5.84
N ALA A 478 -1.85 20.92 4.73
CA ALA A 478 -1.31 22.19 4.24
C ALA A 478 -2.44 23.14 3.85
N ARG A 479 -3.50 22.61 3.24
CA ARG A 479 -4.65 23.44 2.87
C ARG A 479 -5.35 23.99 4.11
N LYS A 480 -5.48 23.16 5.15
CA LYS A 480 -6.07 23.65 6.40
C LYS A 480 -5.23 24.77 6.99
N VAL A 481 -3.90 24.61 6.97
CA VAL A 481 -3.01 25.66 7.46
C VAL A 481 -3.18 26.93 6.63
N ILE A 482 -3.28 26.79 5.31
CA ILE A 482 -3.42 27.94 4.44
C ILE A 482 -4.74 28.68 4.71
N ASN A 483 -5.83 27.93 4.86
CA ASN A 483 -7.12 28.56 5.14
C ASN A 483 -7.09 29.25 6.50
N GLY A 484 -6.44 28.63 7.49
CA GLY A 484 -6.32 29.26 8.79
C GLY A 484 -5.53 30.55 8.75
N VAL A 485 -4.40 30.56 8.02
CA VAL A 485 -3.61 31.79 7.96
C VAL A 485 -4.33 32.85 7.13
N VAL A 486 -5.14 32.43 6.15
CA VAL A 486 -5.97 33.40 5.43
C VAL A 486 -6.97 34.05 6.37
N ARG A 487 -7.63 33.24 7.20
CA ARG A 487 -8.56 33.80 8.17
C ARG A 487 -7.86 34.71 9.16
N LEU A 488 -6.66 34.33 9.60
CA LEU A 488 -5.95 35.09 10.63
C LEU A 488 -5.27 36.34 10.09
N TYR A 489 -4.97 36.41 8.79
CA TYR A 489 -4.23 37.53 8.23
C TYR A 489 -4.78 38.08 6.93
N GLY A 490 -5.71 37.40 6.27
CA GLY A 490 -6.01 37.68 4.88
C GLY A 490 -4.98 37.04 3.97
N SER A 491 -5.22 37.14 2.67
CA SER A 491 -4.24 36.64 1.71
C SER A 491 -2.93 37.40 1.90
N PRO A 492 -1.88 36.75 2.44
CA PRO A 492 -0.67 37.50 2.81
C PRO A 492 0.01 38.10 1.58
N ALA A 493 0.34 37.23 0.64
CA ALA A 493 1.06 37.57 -0.57
C ALA A 493 1.01 36.39 -1.53
N ARG A 494 1.96 36.33 -2.45
CA ARG A 494 2.27 35.08 -3.14
C ARG A 494 2.65 34.01 -2.12
N ILE A 495 2.94 32.80 -2.57
CA ILE A 495 3.31 31.71 -1.67
C ILE A 495 4.73 31.24 -2.01
N HIS A 496 5.44 30.75 -1.01
CA HIS A 496 6.82 30.31 -1.16
C HIS A 496 6.95 28.92 -0.56
N ILE A 497 7.30 27.94 -1.39
CA ILE A 497 7.38 26.55 -0.99
C ILE A 497 8.74 25.99 -1.37
N GLU A 498 9.43 25.39 -0.40
CA GLU A 498 10.72 24.74 -0.66
C GLU A 498 10.84 23.43 0.13
N THR A 499 9.77 22.63 0.14
CA THR A 499 9.76 21.33 0.81
C THR A 499 10.18 21.43 2.28
N ARG A 659 13.04 7.72 1.73
CA ARG A 659 12.75 6.69 0.75
C ARG A 659 11.54 7.06 -0.08
N ASN A 660 10.79 8.06 0.37
CA ASN A 660 9.55 8.47 -0.28
C ASN A 660 9.67 9.88 -0.87
N LEU A 661 10.81 10.18 -1.49
CA LEU A 661 10.96 11.44 -2.20
C LEU A 661 9.95 11.59 -3.33
N ASN A 662 9.43 10.47 -3.85
CA ASN A 662 8.38 10.53 -4.86
C ASN A 662 7.14 11.21 -4.32
N ASP A 663 6.70 10.80 -3.13
CA ASP A 663 5.51 11.39 -2.53
C ASP A 663 5.73 12.86 -2.22
N THR A 664 6.90 13.22 -1.71
CA THR A 664 7.17 14.62 -1.37
C THR A 664 7.07 15.51 -2.60
N ARG A 665 7.64 15.06 -3.73
CA ARG A 665 7.60 15.87 -4.94
C ARG A 665 6.21 15.88 -5.57
N TYR A 666 5.47 14.79 -5.45
CA TYR A 666 4.06 14.82 -5.83
C TYR A 666 3.32 15.90 -5.04
N VAL A 667 3.53 15.93 -3.73
CA VAL A 667 2.90 16.93 -2.88
C VAL A 667 3.28 18.33 -3.32
N ALA A 668 4.58 18.55 -3.52
CA ALA A 668 5.06 19.89 -3.87
C ALA A 668 4.48 20.36 -5.19
N ARG A 669 4.60 19.55 -6.24
CA ARG A 669 4.11 19.96 -7.56
C ARG A 669 2.60 20.18 -7.54
N PHE A 670 1.85 19.24 -6.96
CA PHE A 670 0.40 19.39 -6.97
C PHE A 670 -0.05 20.57 -6.14
N LEU A 671 0.59 20.81 -4.99
CA LEU A 671 0.22 21.97 -4.18
C LEU A 671 0.52 23.27 -4.91
N CYS A 672 1.69 23.37 -5.56
CA CYS A 672 2.02 24.58 -6.29
C CYS A 672 1.01 24.86 -7.38
N ASN A 673 0.73 23.85 -8.23
CA ASN A 673 -0.21 24.07 -9.33
C ASN A 673 -1.62 24.33 -8.83
N PHE A 674 -2.07 23.58 -7.82
CA PHE A 674 -3.41 23.76 -7.27
C PHE A 674 -3.58 25.16 -6.71
N ILE A 675 -2.58 25.63 -5.93
CA ILE A 675 -2.64 26.97 -5.35
C ILE A 675 -2.66 28.02 -6.45
N ALA A 676 -1.75 27.91 -7.41
CA ALA A 676 -1.62 28.94 -8.44
C ALA A 676 -2.86 29.01 -9.33
N ASP A 677 -3.49 27.88 -9.62
CA ASP A 677 -4.60 27.85 -10.56
C ASP A 677 -5.97 27.80 -9.88
N ASN A 678 -6.04 27.82 -8.56
CA ASN A 678 -7.32 27.73 -7.87
C ASN A 678 -7.47 28.87 -6.87
N MET A 679 -8.68 29.45 -6.85
CA MET A 679 -9.03 30.53 -5.94
C MET A 679 -10.53 30.50 -5.70
N HIS A 680 -10.94 31.02 -4.54
CA HIS A 680 -12.34 31.20 -4.18
C HIS A 680 -12.32 31.87 -2.80
N LEU A 681 -13.48 32.35 -2.36
CA LEU A 681 -13.59 32.95 -1.03
C LEU A 681 -14.49 32.12 -0.11
N VAL A 689 3.56 30.12 -5.61
CA VAL A 689 3.99 30.62 -6.91
C VAL A 689 5.49 30.40 -7.09
N PHE A 690 6.20 30.22 -5.97
CA PHE A 690 7.63 29.99 -5.98
C PHE A 690 7.92 28.58 -5.48
N ALA A 691 8.68 27.82 -6.27
CA ALA A 691 9.08 26.46 -5.93
C ALA A 691 10.60 26.45 -5.76
N SER A 692 11.06 26.59 -4.52
CA SER A 692 12.48 26.60 -4.22
C SER A 692 12.95 25.18 -3.87
N ASN A 693 14.19 25.06 -3.41
CA ASN A 693 14.75 23.77 -3.04
C ASN A 693 15.63 23.93 -1.81
N GLY A 694 16.09 22.81 -1.27
CA GLY A 694 16.89 22.83 -0.06
C GLY A 694 18.21 23.57 -0.23
N GLN A 695 18.81 23.49 -1.41
CA GLN A 695 20.08 24.18 -1.65
C GLN A 695 19.91 25.70 -1.50
N ILE A 696 18.79 26.24 -1.99
CA ILE A 696 18.52 27.67 -1.84
C ILE A 696 18.31 28.01 -0.37
N THR A 697 17.61 27.14 0.37
CA THR A 697 17.32 27.41 1.77
C THR A 697 18.59 27.50 2.60
N ALA A 698 19.56 26.62 2.35
CA ALA A 698 20.77 26.58 3.15
C ALA A 698 21.68 27.78 2.93
N LEU A 699 21.44 28.58 1.89
CA LEU A 699 22.34 29.68 1.56
C LEU A 699 22.39 30.71 2.69
N LEU A 700 21.26 31.36 2.97
CA LEU A 700 21.22 32.40 3.99
C LEU A 700 21.23 31.80 5.39
N ASN A 713 15.17 20.08 17.78
CA ASN A 713 13.72 20.03 17.95
C ASN A 713 12.99 20.06 16.60
N ASP A 714 11.66 20.20 16.66
CA ASP A 714 10.83 20.25 15.47
C ASP A 714 10.61 21.66 14.96
N ARG A 715 11.21 22.66 15.59
CA ARG A 715 11.02 24.05 15.19
C ARG A 715 11.86 24.45 13.99
N HIS A 716 12.75 23.57 13.50
CA HIS A 716 13.60 23.92 12.38
C HIS A 716 12.80 24.28 11.15
N HIS A 717 11.64 23.64 10.96
CA HIS A 717 10.79 23.95 9.81
C HIS A 717 10.36 25.40 9.80
N ALA A 718 10.34 26.06 10.96
CA ALA A 718 10.09 27.50 10.99
C ALA A 718 11.23 28.25 10.32
N LEU A 719 12.48 27.94 10.69
CA LEU A 719 13.63 28.65 10.13
C LEU A 719 13.64 28.54 8.61
N ASP A 720 13.57 27.31 8.09
CA ASP A 720 13.45 27.13 6.65
C ASP A 720 12.30 27.96 6.11
N ALA A 721 11.15 27.88 6.79
CA ALA A 721 10.00 28.71 6.41
C ALA A 721 10.41 30.16 6.21
N VAL A 722 11.05 30.75 7.21
CA VAL A 722 11.49 32.14 7.09
C VAL A 722 12.38 32.30 5.88
N VAL A 723 13.38 31.42 5.75
CA VAL A 723 14.30 31.49 4.62
C VAL A 723 13.54 31.31 3.31
N VAL A 724 12.52 30.43 3.31
CA VAL A 724 11.73 30.26 2.10
C VAL A 724 10.92 31.51 1.83
N ALA A 725 10.38 32.14 2.88
CA ALA A 725 9.59 33.36 2.68
C ALA A 725 10.47 34.51 2.18
N CYS A 726 11.69 34.61 2.71
CA CYS A 726 12.63 35.65 2.27
C CYS A 726 13.44 35.15 1.07
N SER A 727 12.71 34.84 0.00
CA SER A 727 13.31 34.33 -1.22
C SER A 727 12.61 34.95 -2.42
N THR A 728 13.29 34.93 -3.56
CA THR A 728 12.77 35.50 -4.80
C THR A 728 13.22 34.64 -5.97
N VAL A 729 12.48 34.78 -7.08
CA VAL A 729 12.81 34.05 -8.30
C VAL A 729 14.18 34.47 -8.83
N ALA A 730 14.54 35.74 -8.62
CA ALA A 730 15.82 36.23 -9.14
C ALA A 730 17.00 35.48 -8.53
N MET A 731 16.97 35.23 -7.22
CA MET A 731 18.05 34.48 -6.60
C MET A 731 18.08 33.03 -7.07
N GLN A 732 16.91 32.44 -7.31
CA GLN A 732 16.87 31.08 -7.83
C GLN A 732 17.52 30.99 -9.21
N GLN A 733 17.23 31.97 -10.08
CA GLN A 733 17.87 32.00 -11.39
C GLN A 733 19.37 32.27 -11.25
N LYS A 734 19.75 33.17 -10.34
CA LYS A 734 21.17 33.41 -10.09
C LYS A 734 21.85 32.17 -9.53
N ILE A 735 21.12 31.38 -8.72
CA ILE A 735 21.67 30.12 -8.22
C ILE A 735 21.95 29.17 -9.37
N THR A 736 21.03 29.08 -10.34
CA THR A 736 21.25 28.23 -11.50
C THR A 736 22.46 28.71 -12.31
N ARG A 737 22.71 30.02 -12.34
CA ARG A 737 23.85 30.55 -13.08
C ARG A 737 25.16 30.40 -12.34
N PHE A 738 25.12 30.10 -11.04
CA PHE A 738 26.33 30.01 -10.22
C PHE A 738 27.31 28.95 -10.76
N LEU A 762 28.53 34.63 -0.34
CA LEU A 762 29.24 35.84 -0.73
C LEU A 762 28.28 36.91 -1.23
N HIS A 763 27.72 36.69 -2.42
CA HIS A 763 26.84 37.69 -3.03
C HIS A 763 25.52 37.83 -2.29
N PHE A 764 25.08 36.77 -1.59
CA PHE A 764 23.79 36.80 -0.93
C PHE A 764 23.82 37.78 0.25
N PRO A 765 22.89 38.74 0.31
CA PRO A 765 22.89 39.71 1.41
C PRO A 765 22.06 39.27 2.60
N THR A 766 21.96 40.13 3.61
CA THR A 766 21.08 39.90 4.75
C THR A 766 19.81 40.72 4.55
N PRO A 767 18.66 40.09 4.38
CA PRO A 767 17.41 40.84 4.14
C PRO A 767 16.80 41.43 5.41
N TRP A 768 17.56 41.50 6.50
CA TRP A 768 17.09 42.14 7.73
C TRP A 768 18.24 42.94 8.34
N GLN A 769 17.88 43.79 9.30
CA GLN A 769 18.90 44.61 9.98
C GLN A 769 19.91 43.73 10.70
N PHE A 770 19.45 42.68 11.37
CA PHE A 770 20.32 41.71 12.00
C PHE A 770 19.65 40.35 11.92
N PHE A 771 20.45 39.31 11.73
CA PHE A 771 19.95 37.94 11.61
C PHE A 771 20.09 37.11 12.88
N LYS A 772 21.29 37.07 13.47
CA LYS A 772 21.55 36.11 14.53
C LYS A 772 20.55 36.23 15.66
N GLN A 773 20.53 37.38 16.34
CA GLN A 773 19.64 37.54 17.49
C GLN A 773 18.17 37.52 17.07
N GLU A 774 17.86 38.09 15.90
CA GLU A 774 16.47 38.21 15.47
C GLU A 774 15.84 36.84 15.27
N VAL A 775 16.41 36.02 14.39
CA VAL A 775 15.82 34.73 14.08
C VAL A 775 16.05 33.72 15.20
N GLU A 776 17.13 33.87 15.98
CA GLU A 776 17.40 32.94 17.08
C GLU A 776 16.26 32.91 18.08
N ILE A 777 15.73 34.09 18.42
CA ILE A 777 14.64 34.17 19.39
C ILE A 777 13.27 34.21 18.73
N ARG A 778 13.19 34.52 17.43
CA ARG A 778 11.88 34.62 16.78
C ARG A 778 11.18 33.26 16.74
N ILE A 779 11.90 32.23 16.32
CA ILE A 779 11.35 30.87 16.24
C ILE A 779 11.89 29.99 17.36
N PHE A 780 13.20 29.77 17.40
CA PHE A 780 13.81 29.03 18.50
C PHE A 780 13.81 29.89 19.76
N SER A 781 14.05 29.25 20.90
CA SER A 781 14.13 29.91 22.20
C SER A 781 12.96 30.87 22.39
N ASP A 782 11.76 30.28 22.42
CA ASP A 782 10.52 31.06 22.41
C ASP A 782 10.48 32.04 23.58
N ASN A 783 10.32 33.33 23.25
CA ASN A 783 10.28 34.39 24.25
C ASN A 783 9.30 35.48 23.82
N PRO A 784 8.23 35.71 24.59
CA PRO A 784 7.22 36.73 24.24
C PRO A 784 7.72 38.14 24.54
N LYS A 785 8.48 38.70 23.61
CA LYS A 785 9.24 39.93 23.82
C LYS A 785 10.11 39.67 25.05
N LEU A 786 10.12 40.56 26.05
CA LEU A 786 10.76 40.30 27.34
C LEU A 786 12.20 39.80 27.17
N GLU A 787 12.39 38.48 27.23
CA GLU A 787 13.71 37.92 26.95
C GLU A 787 14.17 38.27 25.54
N LEU A 788 13.23 38.40 24.60
CA LEU A 788 13.57 39.01 23.32
C LEU A 788 14.03 40.45 23.52
N GLU A 789 13.26 41.23 24.27
CA GLU A 789 13.59 42.64 24.48
C GLU A 789 14.93 42.81 25.19
N ASN A 790 15.19 41.98 26.19
CA ASN A 790 16.50 42.03 26.85
C ASN A 790 17.61 41.69 25.87
N ARG A 791 17.36 40.78 24.94
CA ARG A 791 18.27 40.47 23.85
C ARG A 791 18.04 41.37 22.63
N LEU A 792 17.12 42.33 22.73
CA LEU A 792 16.85 43.29 21.66
C LEU A 792 16.90 44.69 22.23
N PRO A 793 18.08 45.12 22.73
CA PRO A 793 18.20 46.49 23.26
C PRO A 793 18.13 47.54 22.17
N ASP A 794 18.94 47.38 21.13
CA ASP A 794 18.92 48.28 20.00
C ASP A 794 17.70 48.00 19.12
N ARG A 795 17.28 49.03 18.41
CA ARG A 795 16.09 48.97 17.55
C ARG A 795 14.92 48.33 18.28
N PRO A 796 14.43 48.94 19.38
CA PRO A 796 13.40 48.30 20.21
C PRO A 796 12.09 48.08 19.47
N GLN A 797 12.08 48.39 18.17
CA GLN A 797 10.94 48.15 17.30
C GLN A 797 10.77 46.66 17.02
N ALA A 798 10.34 45.90 18.02
CA ALA A 798 10.02 44.49 17.87
C ALA A 798 8.60 44.24 18.33
N ASN A 799 8.15 43.00 18.16
CA ASN A 799 6.84 42.54 18.62
C ASN A 799 5.72 43.07 17.71
N HIS A 800 4.59 42.37 17.69
CA HIS A 800 3.43 42.74 16.89
C HIS A 800 2.20 42.55 17.77
N GLU A 801 1.03 42.92 17.23
CA GLU A 801 -0.21 42.87 18.00
C GLU A 801 -0.55 41.47 18.50
N PHE A 802 -0.02 40.41 17.87
CA PHE A 802 -0.35 39.04 18.26
C PHE A 802 0.85 38.16 18.55
N VAL A 803 2.07 38.71 18.60
CA VAL A 803 3.26 37.87 18.73
C VAL A 803 3.23 37.11 20.04
N GLN A 804 3.52 35.81 19.98
CA GLN A 804 3.53 34.93 21.13
C GLN A 804 4.48 33.78 20.85
N PRO A 805 4.94 33.07 21.89
CA PRO A 805 5.76 31.88 21.68
C PRO A 805 5.04 30.86 20.80
N LEU A 806 5.83 29.99 20.17
CA LEU A 806 5.30 29.03 19.21
C LEU A 806 4.98 27.70 19.88
N PHE A 807 3.78 27.21 19.64
CA PHE A 807 3.34 25.89 20.09
C PHE A 807 3.10 25.03 18.85
N VAL A 808 3.77 23.88 18.79
CA VAL A 808 3.68 22.99 17.63
C VAL A 808 2.37 22.21 17.74
N SER A 809 1.37 22.60 16.97
CA SER A 809 0.13 21.86 16.91
C SER A 809 0.37 20.48 16.30
N ARG A 810 -0.36 19.48 16.79
CA ARG A 810 -0.20 18.11 16.33
C ARG A 810 -1.57 17.53 16.01
N MET A 811 -1.61 16.73 14.94
CA MET A 811 -2.87 16.23 14.42
C MET A 811 -3.60 15.39 15.47
N PRO A 812 -4.89 15.61 15.69
CA PRO A 812 -5.64 14.76 16.63
C PRO A 812 -6.15 13.51 15.93
N THR A 813 -5.87 12.36 16.52
CA THR A 813 -6.30 11.07 15.99
C THR A 813 -7.40 10.52 16.90
N ARG A 814 -8.64 10.55 16.41
CA ARG A 814 -9.79 10.11 17.19
C ARG A 814 -10.56 8.99 16.50
N LYS A 815 -9.92 8.26 15.58
CA LYS A 815 -10.56 7.11 14.97
C LYS A 815 -10.71 5.99 15.99
N MET A 816 -11.85 5.30 15.94
CA MET A 816 -12.12 4.18 16.82
C MET A 816 -11.89 2.83 16.16
N THR A 817 -11.49 2.82 14.89
CA THR A 817 -11.23 1.58 14.16
C THR A 817 -9.73 1.37 14.02
N GLY A 818 -9.34 0.10 13.93
CA GLY A 818 -7.94 -0.23 13.80
C GLY A 818 -7.72 -1.72 14.03
N GLN A 819 -6.46 -2.07 14.26
CA GLN A 819 -6.10 -3.46 14.55
C GLN A 819 -6.64 -3.84 15.93
N GLY A 820 -7.57 -4.80 15.95
CA GLY A 820 -8.13 -5.23 17.23
C GLY A 820 -7.11 -5.94 18.11
N HIS A 821 -6.31 -6.84 17.52
CA HIS A 821 -5.40 -7.65 18.28
C HIS A 821 -4.18 -7.98 17.43
N MET A 822 -3.10 -8.37 18.09
CA MET A 822 -1.89 -8.74 17.38
C MET A 822 -2.11 -10.06 16.64
N GLU A 823 -1.25 -10.33 15.65
CA GLU A 823 -1.45 -11.46 14.76
C GLU A 823 -0.87 -12.77 15.30
N THR A 824 -0.07 -12.73 16.35
CA THR A 824 0.47 -13.96 16.95
C THR A 824 -0.62 -14.58 17.82
N VAL A 825 -1.23 -15.65 17.33
CA VAL A 825 -2.27 -16.36 18.07
C VAL A 825 -1.61 -17.38 18.98
N LYS A 826 -2.10 -17.46 20.21
CA LYS A 826 -1.49 -18.34 21.20
C LYS A 826 -2.53 -19.28 21.81
N SER A 827 -2.15 -20.04 22.82
CA SER A 827 -3.06 -21.02 23.43
C SER A 827 -3.55 -20.49 24.77
N ALA A 828 -4.87 -20.44 24.93
CA ALA A 828 -5.50 -19.94 26.15
C ALA A 828 -5.93 -21.06 27.09
N LYS A 829 -5.52 -22.30 26.83
CA LYS A 829 -5.92 -23.42 27.68
C LYS A 829 -5.39 -23.27 29.10
N ARG A 830 -4.27 -22.57 29.26
CA ARG A 830 -3.69 -22.30 30.57
C ARG A 830 -3.74 -20.82 30.91
N LEU A 831 -4.74 -20.11 30.38
CA LEU A 831 -4.84 -18.67 30.59
C LEU A 831 -5.16 -18.33 32.04
N ASN A 832 -5.84 -19.24 32.75
CA ASN A 832 -6.15 -18.99 34.16
C ASN A 832 -4.89 -18.90 34.99
N GLU A 833 -3.87 -19.70 34.66
CA GLU A 833 -2.57 -19.58 35.29
C GLU A 833 -1.94 -18.22 35.04
N GLY A 834 -2.35 -17.53 33.99
CA GLY A 834 -1.73 -16.30 33.57
C GLY A 834 -0.67 -16.46 32.50
N ILE A 835 -0.75 -17.51 31.68
CA ILE A 835 0.27 -17.81 30.70
C ILE A 835 -0.38 -18.26 29.39
N SER A 836 0.38 -18.11 28.31
CA SER A 836 0.00 -18.60 27.00
C SER A 836 1.06 -19.57 26.50
N VAL A 837 0.68 -20.46 25.60
CA VAL A 837 1.58 -21.47 25.06
C VAL A 837 1.62 -21.32 23.55
N ILE A 838 2.81 -21.06 23.01
CA ILE A 838 2.98 -20.86 21.58
C ILE A 838 4.15 -21.73 21.09
N LYS A 839 3.96 -22.38 19.95
CA LYS A 839 5.02 -23.17 19.36
C LYS A 839 6.14 -22.26 18.89
N MET A 840 7.36 -22.51 19.37
CA MET A 840 8.50 -21.65 19.09
C MET A 840 9.46 -22.37 18.15
N PRO A 841 9.70 -21.84 16.95
CA PRO A 841 10.69 -22.47 16.06
C PRO A 841 12.07 -22.51 16.72
N LEU A 842 12.79 -23.60 16.47
CA LEU A 842 14.11 -23.75 17.07
C LEU A 842 15.07 -22.66 16.60
N THR A 843 14.93 -22.20 15.35
CA THR A 843 15.79 -21.17 14.82
C THR A 843 15.59 -19.81 15.49
N LYS A 844 14.63 -19.69 16.41
CA LYS A 844 14.45 -18.48 17.19
C LYS A 844 14.43 -18.76 18.69
N LEU A 845 14.71 -20.00 19.11
CA LEU A 845 14.66 -20.38 20.52
C LEU A 845 15.90 -19.88 21.23
N LYS A 846 15.88 -18.59 21.57
CA LYS A 846 16.94 -18.03 22.40
C LYS A 846 16.86 -18.63 23.80
N LEU A 847 18.00 -18.64 24.49
CA LEU A 847 18.07 -19.29 25.79
C LEU A 847 17.03 -18.74 26.77
N LYS A 848 16.74 -17.43 26.67
CA LYS A 848 15.63 -16.85 27.41
C LYS A 848 14.34 -17.60 27.13
N ASP A 849 14.05 -17.84 25.85
CA ASP A 849 12.85 -18.57 25.47
C ASP A 849 12.90 -20.01 25.95
N LEU A 850 14.07 -20.64 25.86
CA LEU A 850 14.21 -22.02 26.32
C LEU A 850 13.92 -22.14 27.81
N GLU A 851 14.25 -21.10 28.58
CA GLU A 851 13.97 -21.13 30.01
C GLU A 851 12.49 -21.09 30.32
N LEU A 852 11.63 -20.85 29.33
CA LEU A 852 10.19 -20.84 29.52
C LEU A 852 9.48 -21.97 28.79
N MET A 853 10.22 -22.99 28.38
CA MET A 853 9.62 -24.14 27.71
C MET A 853 8.69 -24.90 28.67
N VAL A 854 7.60 -25.43 28.11
CA VAL A 854 6.62 -26.14 28.93
C VAL A 854 7.18 -27.46 29.43
N ASN A 855 7.93 -28.17 28.58
CA ASN A 855 8.49 -29.47 28.93
C ASN A 855 9.91 -29.36 29.47
N ARG A 856 10.22 -28.29 30.19
CA ARG A 856 11.56 -28.11 30.74
CA ARG A 856 11.57 -28.11 30.75
C ARG A 856 11.96 -29.30 31.61
N GLU A 857 11.09 -29.69 32.54
CA GLU A 857 11.37 -30.79 33.45
C GLU A 857 10.65 -32.07 33.07
N ARG A 858 9.57 -31.98 32.30
CA ARG A 858 8.92 -33.18 31.80
C ARG A 858 9.87 -33.97 30.88
N GLU A 859 10.58 -33.26 30.00
CA GLU A 859 11.61 -33.86 29.15
C GLU A 859 12.92 -33.16 29.49
N LYS A 860 13.61 -33.66 30.52
CA LYS A 860 14.81 -33.00 31.01
C LYS A 860 15.97 -33.17 30.02
N ASP A 861 16.07 -34.33 29.38
CA ASP A 861 17.17 -34.57 28.44
C ASP A 861 17.08 -33.61 27.26
N LEU A 862 15.88 -33.33 26.78
CA LEU A 862 15.70 -32.35 25.71
C LEU A 862 16.20 -30.98 26.13
N TYR A 863 15.81 -30.54 27.33
CA TYR A 863 16.21 -29.22 27.81
C TYR A 863 17.72 -29.14 27.99
N ASP A 864 18.33 -30.21 28.51
CA ASP A 864 19.78 -30.20 28.72
C ASP A 864 20.52 -30.03 27.39
N THR A 865 20.15 -30.81 26.38
CA THR A 865 20.85 -30.75 25.10
C THR A 865 20.61 -29.42 24.40
N LEU A 866 19.38 -28.90 24.47
CA LEU A 866 19.09 -27.62 23.84
C LEU A 866 19.85 -26.48 24.51
N LYS A 867 19.97 -26.53 25.84
CA LYS A 867 20.77 -25.53 26.53
C LYS A 867 22.23 -25.61 26.13
N ALA A 868 22.75 -26.83 25.99
CA ALA A 868 24.15 -27.01 25.62
C ALA A 868 24.45 -26.46 24.23
N ARG A 869 23.56 -26.72 23.26
CA ARG A 869 23.83 -26.28 21.90
C ARG A 869 23.71 -24.77 21.77
N LEU A 870 22.78 -24.16 22.49
CA LEU A 870 22.72 -22.70 22.50
C LEU A 870 23.97 -22.10 23.12
N GLU A 871 24.47 -22.72 24.20
CA GLU A 871 25.71 -22.26 24.81
C GLU A 871 26.91 -22.47 23.90
N ALA A 872 26.82 -23.45 23.00
CA ALA A 872 27.91 -23.77 22.08
C ALA A 872 27.97 -22.82 20.88
N PHE A 873 26.99 -21.93 20.73
CA PHE A 873 26.97 -21.01 19.59
C PHE A 873 26.65 -19.57 20.01
N ASN A 874 26.92 -19.22 21.27
CA ASN A 874 26.75 -17.85 21.77
C ASN A 874 25.31 -17.37 21.62
N ASP A 875 24.37 -18.20 22.06
CA ASP A 875 22.96 -17.83 22.15
C ASP A 875 22.42 -17.31 20.83
N ASP A 876 22.80 -17.97 19.73
CA ASP A 876 22.29 -17.64 18.40
C ASP A 876 21.55 -18.86 17.86
N PRO A 877 20.24 -18.94 18.05
CA PRO A 877 19.48 -20.09 17.54
C PRO A 877 19.67 -20.34 16.05
N ALA A 878 19.80 -19.27 15.26
CA ALA A 878 19.95 -19.43 13.81
C ALA A 878 21.20 -20.24 13.48
N LYS A 879 22.33 -19.91 14.12
CA LYS A 879 23.55 -20.68 13.92
C LYS A 879 23.51 -22.00 14.67
N ALA A 880 22.85 -22.04 15.83
CA ALA A 880 22.83 -23.25 16.64
C ALA A 880 21.98 -24.33 15.98
N PHE A 881 20.70 -24.04 15.78
CA PHE A 881 19.78 -24.99 15.14
C PHE A 881 19.61 -24.68 13.66
N ALA A 882 20.72 -24.74 12.94
CA ALA A 882 20.70 -24.59 11.49
C ALA A 882 20.57 -25.91 10.76
N GLU A 883 20.64 -27.03 11.48
CA GLU A 883 20.44 -28.37 10.97
C GLU A 883 19.46 -29.08 11.89
N PRO A 884 18.61 -29.96 11.35
CA PRO A 884 17.53 -30.54 12.16
C PRO A 884 18.03 -31.18 13.45
N PHE A 885 17.31 -30.89 14.53
CA PHE A 885 17.60 -31.43 15.85
C PHE A 885 16.84 -32.74 16.05
N ILE A 886 17.46 -33.68 16.75
CA ILE A 886 16.88 -35.01 16.98
C ILE A 886 16.87 -35.29 18.47
N LYS A 887 15.72 -35.73 18.99
CA LYS A 887 15.59 -36.14 20.37
C LYS A 887 15.81 -37.65 20.48
N LYS A 888 15.73 -38.17 21.71
CA LYS A 888 15.76 -39.62 21.89
C LYS A 888 14.57 -40.25 21.19
N GLY A 889 14.82 -41.30 20.42
CA GLY A 889 13.78 -41.99 19.69
C GLY A 889 13.71 -41.69 18.21
N GLY A 890 14.59 -40.83 17.69
CA GLY A 890 14.69 -40.60 16.26
C GLY A 890 13.75 -39.56 15.70
N ALA A 891 12.86 -39.00 16.51
CA ALA A 891 11.96 -37.96 16.02
C ALA A 891 12.72 -36.67 15.78
N ILE A 892 12.20 -35.87 14.86
CA ILE A 892 12.80 -34.59 14.47
C ILE A 892 12.08 -33.48 15.21
N VAL A 893 12.84 -32.52 15.73
CA VAL A 893 12.30 -31.40 16.49
C VAL A 893 12.45 -30.14 15.64
N LYS A 894 11.33 -29.47 15.39
CA LYS A 894 11.31 -28.28 14.56
C LYS A 894 10.70 -27.06 15.24
N SER A 895 9.89 -27.24 16.28
CA SER A 895 9.34 -26.14 17.04
C SER A 895 8.81 -26.70 18.36
N VAL A 896 9.09 -26.00 19.46
CA VAL A 896 8.77 -26.48 20.80
C VAL A 896 7.79 -25.51 21.46
N ARG A 897 6.79 -26.06 22.13
CA ARG A 897 5.85 -25.24 22.88
C ARG A 897 6.58 -24.46 23.96
N VAL A 898 6.33 -23.16 24.03
CA VAL A 898 6.98 -22.28 24.98
C VAL A 898 5.91 -21.43 25.65
N GLU A 899 6.00 -21.31 26.97
CA GLU A 899 5.08 -20.48 27.73
C GLU A 899 5.53 -19.03 27.73
N GLN A 900 4.55 -18.12 27.79
CA GLN A 900 4.78 -16.69 27.77
C GLN A 900 3.83 -16.02 28.75
N ILE A 901 4.32 -14.95 29.39
CA ILE A 901 3.54 -14.24 30.39
C ILE A 901 2.38 -13.52 29.71
N GLN A 902 1.16 -13.91 30.06
CA GLN A 902 -0.05 -13.39 29.43
C GLN A 902 -1.03 -12.95 30.50
N LYS A 903 -1.02 -11.66 30.83
CA LYS A 903 -1.97 -11.09 31.78
C LYS A 903 -3.15 -10.40 31.11
N SER A 904 -2.94 -9.86 29.91
CA SER A 904 -4.00 -9.17 29.17
C SER A 904 -3.96 -9.60 27.72
N GLY A 905 -5.13 -9.81 27.14
CA GLY A 905 -5.20 -10.27 25.76
C GLY A 905 -6.63 -10.35 25.27
N VAL A 906 -6.77 -10.91 24.08
CA VAL A 906 -8.04 -11.01 23.37
C VAL A 906 -8.26 -12.46 22.98
N LEU A 907 -9.44 -12.99 23.29
CA LEU A 907 -9.80 -14.33 22.85
C LEU A 907 -10.23 -14.29 21.39
N VAL A 908 -9.64 -15.18 20.59
CA VAL A 908 -9.84 -15.24 19.15
C VAL A 908 -9.94 -16.70 18.73
N ARG A 909 -10.18 -16.91 17.44
CA ARG A 909 -10.22 -18.25 16.82
C ARG A 909 -11.25 -19.14 17.52
N GLU A 910 -12.51 -18.73 17.38
CA GLU A 910 -13.65 -19.43 17.97
C GLU A 910 -13.59 -19.44 19.49
N GLY A 911 -12.86 -18.50 20.08
CA GLY A 911 -12.65 -18.50 21.52
C GLY A 911 -11.61 -19.49 22.00
N ASN A 912 -10.78 -20.02 21.10
CA ASN A 912 -9.80 -21.03 21.45
C ASN A 912 -8.41 -20.45 21.73
N GLY A 913 -8.02 -19.38 21.05
CA GLY A 913 -6.70 -18.80 21.20
C GLY A 913 -6.75 -17.42 21.85
N VAL A 914 -5.56 -16.90 22.15
CA VAL A 914 -5.40 -15.60 22.76
C VAL A 914 -4.31 -14.84 22.02
N ALA A 915 -4.54 -13.54 21.78
CA ALA A 915 -3.60 -12.68 21.09
C ALA A 915 -3.43 -11.37 21.86
N ASP A 916 -2.27 -10.75 21.70
CA ASP A 916 -1.98 -9.53 22.44
C ASP A 916 -2.83 -8.36 21.94
N ASN A 917 -3.06 -7.40 22.82
CA ASN A 917 -3.74 -6.18 22.43
C ASN A 917 -2.91 -5.41 21.41
N ALA A 918 -3.59 -4.86 20.40
CA ALA A 918 -2.91 -4.18 19.31
C ALA A 918 -2.92 -2.66 19.47
N SER A 919 -4.10 -2.06 19.57
CA SER A 919 -4.23 -0.60 19.60
C SER A 919 -5.16 -0.18 20.73
N MET A 920 -4.84 0.95 21.34
CA MET A 920 -5.64 1.57 22.39
C MET A 920 -6.25 2.84 21.83
N VAL A 921 -7.55 2.81 21.56
CA VAL A 921 -8.18 3.90 20.82
C VAL A 921 -8.43 5.11 21.72
N ARG A 922 -9.05 4.90 22.88
CA ARG A 922 -9.36 6.00 23.78
C ARG A 922 -9.21 5.54 25.23
N VAL A 923 -8.92 6.49 26.10
CA VAL A 923 -8.72 6.23 27.52
C VAL A 923 -9.62 7.18 28.30
N ASP A 924 -10.48 6.63 29.16
CA ASP A 924 -11.44 7.42 29.92
C ASP A 924 -10.89 7.67 31.33
N VAL A 925 -10.82 8.94 31.72
CA VAL A 925 -10.26 9.32 33.01
C VAL A 925 -11.36 9.33 34.06
N PHE A 926 -10.99 9.03 35.30
CA PHE A 926 -11.93 8.99 36.41
C PHE A 926 -11.19 9.43 37.67
N THR A 927 -11.95 9.94 38.64
CA THR A 927 -11.38 10.29 39.94
C THR A 927 -12.24 9.72 41.05
N LYS A 928 -11.58 9.34 42.14
CA LYS A 928 -12.26 8.85 43.34
C LYS A 928 -11.31 9.04 44.52
N GLY A 929 -11.67 9.96 45.42
CA GLY A 929 -10.82 10.25 46.57
C GLY A 929 -9.50 10.90 46.22
N GLY A 930 -9.52 11.87 45.30
CA GLY A 930 -8.30 12.56 44.92
C GLY A 930 -7.32 11.73 44.14
N LYS A 931 -7.76 10.62 43.56
CA LYS A 931 -6.90 9.71 42.82
C LYS A 931 -7.38 9.62 41.38
N TYR A 932 -6.44 9.69 40.43
CA TYR A 932 -6.76 9.63 39.02
C TYR A 932 -6.59 8.19 38.53
N PHE A 933 -7.67 7.62 38.00
CA PHE A 933 -7.70 6.24 37.53
C PHE A 933 -8.16 6.24 36.08
N LEU A 934 -7.41 5.56 35.21
CA LEU A 934 -7.65 5.61 33.78
C LEU A 934 -8.12 4.25 33.28
N VAL A 935 -9.29 4.23 32.66
CA VAL A 935 -9.85 3.03 32.04
C VAL A 935 -9.36 2.99 30.60
N PRO A 936 -8.58 1.97 30.21
CA PRO A 936 -8.16 1.85 28.80
C PRO A 936 -9.17 1.08 27.97
N ILE A 937 -9.36 1.54 26.74
CA ILE A 937 -10.30 0.94 25.80
C ILE A 937 -9.52 0.47 24.57
N TYR A 938 -9.74 -0.78 24.18
CA TYR A 938 -9.10 -1.36 23.02
C TYR A 938 -10.10 -1.55 21.89
N THR A 939 -9.56 -1.73 20.68
CA THR A 939 -10.39 -1.73 19.48
C THR A 939 -11.37 -2.90 19.46
N TRP A 940 -10.93 -4.07 19.92
CA TRP A 940 -11.81 -5.24 19.93
C TRP A 940 -13.01 -5.01 20.84
N GLN A 941 -12.82 -4.28 21.95
CA GLN A 941 -13.93 -3.92 22.82
C GLN A 941 -14.95 -3.07 22.07
N VAL A 942 -14.47 -2.11 21.27
CA VAL A 942 -15.37 -1.27 20.47
C VAL A 942 -16.11 -2.12 19.46
N ALA A 943 -15.41 -3.02 18.78
CA ALA A 943 -16.04 -3.85 17.75
C ALA A 943 -17.10 -4.75 18.34
N LYS A 944 -16.81 -5.39 19.48
CA LYS A 944 -17.78 -6.27 20.11
C LYS A 944 -18.92 -5.52 20.79
N GLY A 945 -18.83 -4.20 20.91
CA GLY A 945 -19.83 -3.43 21.61
C GLY A 945 -19.66 -3.53 23.11
N ILE A 946 -18.45 -3.24 23.59
CA ILE A 946 -18.08 -3.44 24.99
C ILE A 946 -17.56 -2.12 25.54
N LEU A 947 -18.09 -1.71 26.69
CA LEU A 947 -17.59 -0.54 27.40
C LEU A 947 -16.84 -1.00 28.64
N PRO A 948 -15.52 -0.80 28.70
CA PRO A 948 -14.76 -1.28 29.87
C PRO A 948 -15.18 -0.57 31.15
N ASN A 949 -15.15 -1.32 32.25
CA ASN A 949 -15.58 -0.82 33.56
C ASN A 949 -14.39 -0.43 34.44
N LYS A 950 -13.47 -1.36 34.67
CA LYS A 950 -12.40 -1.15 35.62
C LYS A 950 -11.27 -0.30 35.02
N ALA A 951 -10.52 0.36 35.90
CA ALA A 951 -9.41 1.21 35.54
C ALA A 951 -8.09 0.52 35.89
N ALA A 952 -6.99 1.19 35.56
CA ALA A 952 -5.67 0.60 35.70
C ALA A 952 -5.25 0.54 37.16
N THR A 953 -5.02 -0.67 37.67
CA THR A 953 -4.43 -0.89 38.98
C THR A 953 -3.05 -1.48 38.76
N GLN A 954 -2.03 -0.83 39.31
CA GLN A 954 -0.64 -1.13 38.94
C GLN A 954 -0.25 -2.55 39.35
N TYR A 955 -0.50 -2.92 40.60
CA TYR A 955 0.03 -4.16 41.16
C TYR A 955 -1.00 -5.28 41.19
N LYS A 956 -2.11 -5.14 40.47
CA LYS A 956 -3.16 -6.15 40.46
C LYS A 956 -3.44 -6.57 39.02
N ASP A 957 -4.11 -7.72 38.89
CA ASP A 957 -4.49 -8.25 37.59
C ASP A 957 -5.82 -7.64 37.14
N GLU A 958 -6.23 -7.98 35.92
CA GLU A 958 -7.38 -7.31 35.31
C GLU A 958 -8.65 -7.53 36.12
N GLU A 959 -8.85 -8.74 36.64
CA GLU A 959 -10.02 -9.00 37.47
C GLU A 959 -9.97 -8.19 38.76
N ASP A 960 -8.78 -8.07 39.36
CA ASP A 960 -8.59 -7.32 40.59
C ASP A 960 -8.31 -5.84 40.36
N TRP A 961 -8.68 -5.33 39.18
CA TRP A 961 -8.50 -3.93 38.87
C TRP A 961 -9.61 -3.10 39.49
N GLU A 962 -9.28 -1.89 39.91
CA GLU A 962 -10.25 -1.00 40.56
C GLU A 962 -11.42 -0.73 39.61
N VAL A 963 -12.64 -0.91 40.12
CA VAL A 963 -13.84 -0.81 39.32
C VAL A 963 -14.40 0.60 39.44
N MET A 964 -14.68 1.22 38.29
CA MET A 964 -15.33 2.52 38.25
C MET A 964 -16.84 2.32 38.32
N ASP A 965 -17.47 2.96 39.29
CA ASP A 965 -18.89 2.77 39.55
C ASP A 965 -19.47 4.09 40.08
N ASN A 966 -20.62 4.01 40.74
CA ASN A 966 -21.34 5.19 41.20
C ASN A 966 -20.49 6.10 42.07
N SER A 967 -19.36 5.63 42.59
CA SER A 967 -18.47 6.42 43.42
C SER A 967 -17.26 6.94 42.65
N ALA A 968 -17.43 7.23 41.36
CA ALA A 968 -16.35 7.74 40.52
C ALA A 968 -16.86 8.91 39.69
N THR A 969 -15.95 9.83 39.39
CA THR A 969 -16.26 11.04 38.62
C THR A 969 -15.57 10.96 37.27
N PHE A 970 -16.34 11.06 36.20
CA PHE A 970 -15.82 10.95 34.85
C PHE A 970 -15.28 12.30 34.38
N LYS A 971 -13.97 12.37 34.12
CA LYS A 971 -13.37 13.61 33.67
C LYS A 971 -13.53 13.80 32.16
N PHE A 972 -12.93 12.91 31.37
CA PHE A 972 -12.93 13.01 29.92
C PHE A 972 -12.30 11.75 29.34
N SER A 973 -12.29 11.67 28.02
CA SER A 973 -11.61 10.61 27.28
C SER A 973 -10.28 11.15 26.73
N LEU A 974 -9.39 10.22 26.39
CA LEU A 974 -8.07 10.56 25.89
C LEU A 974 -7.74 9.70 24.68
N HIS A 975 -7.44 10.35 23.56
CA HIS A 975 -6.98 9.72 22.34
C HIS A 975 -5.50 10.01 22.12
N PRO A 976 -4.83 9.26 21.25
CA PRO A 976 -3.41 9.54 20.97
C PRO A 976 -3.23 10.97 20.46
N ASN A 977 -2.13 11.59 20.90
CA ASN A 977 -1.79 12.97 20.56
C ASN A 977 -2.94 13.92 20.92
N ASP A 978 -3.26 13.95 22.21
CA ASP A 978 -4.25 14.86 22.76
C ASP A 978 -3.55 15.89 23.66
N LEU A 979 -3.97 17.15 23.53
CA LEU A 979 -3.38 18.21 24.33
C LEU A 979 -3.88 18.11 25.77
N VAL A 980 -2.94 17.90 26.70
CA VAL A 980 -3.25 17.73 28.11
C VAL A 980 -2.35 18.63 28.94
N LYS A 981 -2.86 19.06 30.09
CA LYS A 981 -2.10 19.81 31.06
C LYS A 981 -2.02 19.02 32.34
N LEU A 982 -0.80 18.86 32.86
CA LEU A 982 -0.56 18.06 34.06
C LEU A 982 0.27 18.88 35.04
N VAL A 983 -0.29 19.14 36.21
CA VAL A 983 0.45 19.71 37.34
C VAL A 983 0.35 18.73 38.50
N THR A 984 1.49 18.42 39.11
CA THR A 984 1.55 17.53 40.25
C THR A 984 2.38 18.20 41.34
N LYS A 985 2.48 17.53 42.49
CA LYS A 985 3.32 18.04 43.57
C LYS A 985 4.78 18.14 43.15
N LYS A 986 5.19 17.36 42.14
CA LYS A 986 6.57 17.41 41.67
C LYS A 986 6.83 18.64 40.82
N LYS A 987 6.07 18.80 39.73
CA LYS A 987 6.29 19.89 38.78
C LYS A 987 5.05 20.03 37.90
N THR A 988 5.18 20.85 36.86
CA THR A 988 4.10 21.11 35.91
C THR A 988 4.61 20.85 34.50
N ILE A 989 3.86 20.08 33.71
CA ILE A 989 4.19 19.83 32.31
C ILE A 989 2.90 19.89 31.50
N LEU A 990 2.97 20.58 30.36
CA LEU A 990 1.85 20.67 29.42
C LEU A 990 2.30 20.14 28.07
N GLY A 991 1.52 19.24 27.48
CA GLY A 991 1.89 18.67 26.20
C GLY A 991 0.86 17.74 25.59
N TYR A 992 1.34 16.71 24.89
CA TYR A 992 0.50 15.78 24.14
C TYR A 992 0.55 14.40 24.75
N PHE A 993 -0.57 13.68 24.67
CA PHE A 993 -0.70 12.33 25.24
C PHE A 993 -0.78 11.32 24.11
N ASN A 994 0.11 10.32 24.15
CA ASN A 994 0.16 9.32 23.10
C ASN A 994 0.16 7.87 23.59
N GLY A 995 0.38 7.60 24.87
CA GLY A 995 0.45 6.23 25.33
C GLY A 995 0.14 6.01 26.80
N LEU A 996 -0.59 4.94 27.09
CA LEU A 996 -0.93 4.54 28.45
C LEU A 996 -0.26 3.21 28.77
N ASN A 997 0.49 3.17 29.86
CA ASN A 997 1.12 1.94 30.32
C ASN A 997 0.10 1.14 31.12
N ARG A 998 -0.28 -0.03 30.61
CA ARG A 998 -1.33 -0.81 31.26
C ARG A 998 -0.87 -1.37 32.59
N ALA A 999 0.35 -1.90 32.66
CA ALA A 999 0.81 -2.56 33.88
C ALA A 999 1.23 -1.56 34.95
N THR A 1000 2.15 -0.65 34.60
CA THR A 1000 2.62 0.31 35.58
C THR A 1000 1.56 1.36 35.90
N GLY A 1001 0.66 1.64 34.96
CA GLY A 1001 -0.33 2.67 35.14
C GLY A 1001 0.12 4.06 34.78
N ASN A 1002 1.35 4.21 34.29
CA ASN A 1002 1.89 5.51 33.91
C ASN A 1002 1.38 5.91 32.52
N ILE A 1003 1.62 7.17 32.18
CA ILE A 1003 1.24 7.70 30.88
C ILE A 1003 2.49 8.21 30.17
N ASP A 1004 2.39 8.35 28.85
CA ASP A 1004 3.44 8.90 28.03
C ASP A 1004 2.96 10.23 27.48
N ILE A 1005 3.59 11.32 27.90
CA ILE A 1005 3.27 12.65 27.42
C ILE A 1005 4.44 13.16 26.59
N LYS A 1006 4.12 13.81 25.48
CA LYS A 1006 5.12 14.19 24.48
C LYS A 1006 5.20 15.70 24.39
N GLU A 1007 6.42 16.22 24.41
CA GLU A 1007 6.63 17.65 24.20
C GLU A 1007 6.22 18.04 22.78
N HIS A 1008 5.68 19.25 22.64
CA HIS A 1008 5.18 19.69 21.35
C HIS A 1008 6.29 19.77 20.31
N ASP A 1009 7.45 20.26 20.70
CA ASP A 1009 8.57 20.46 19.77
C ASP A 1009 9.49 19.26 19.67
N LEU A 1010 9.27 18.21 20.45
CA LEU A 1010 10.17 17.05 20.51
C LEU A 1010 11.61 17.49 20.77
N ASP A 1011 11.78 18.43 21.69
CA ASP A 1011 13.11 18.88 22.07
C ASP A 1011 13.90 17.70 22.63
N LYS A 1012 14.97 17.32 21.92
CA LYS A 1012 15.71 16.11 22.27
C LYS A 1012 16.48 16.24 23.57
N SER A 1013 16.53 17.43 24.16
CA SER A 1013 17.10 17.62 25.49
C SER A 1013 16.01 17.62 26.57
N LYS A 1014 14.78 17.24 26.21
CA LYS A 1014 13.65 17.26 27.13
C LYS A 1014 13.11 15.84 27.28
N GLY A 1015 13.19 15.32 28.51
CA GLY A 1015 12.69 13.98 28.76
C GLY A 1015 13.46 12.92 28.02
N LYS A 1016 12.76 11.85 27.66
CA LYS A 1016 13.36 10.75 26.90
C LYS A 1016 13.40 11.12 25.42
N GLN A 1017 14.28 12.08 25.11
CA GLN A 1017 14.48 12.61 23.76
C GLN A 1017 13.17 13.10 23.16
N GLY A 1018 12.58 14.11 23.82
CA GLY A 1018 11.40 14.77 23.34
C GLY A 1018 10.09 14.22 23.87
N ILE A 1019 10.08 13.01 24.41
CA ILE A 1019 8.88 12.38 24.92
C ILE A 1019 9.05 12.17 26.42
N PHE A 1020 8.16 12.77 27.21
CA PHE A 1020 8.17 12.60 28.67
C PHE A 1020 7.41 11.31 28.97
N GLU A 1021 8.14 10.20 28.98
CA GLU A 1021 7.54 8.88 29.13
C GLU A 1021 7.37 8.52 30.60
N GLY A 1022 6.51 7.53 30.84
CA GLY A 1022 6.31 6.97 32.17
C GLY A 1022 6.00 7.99 33.24
N VAL A 1023 4.91 8.73 33.07
CA VAL A 1023 4.53 9.79 33.99
C VAL A 1023 3.42 9.28 34.89
N GLY A 1024 3.61 9.38 36.19
CA GLY A 1024 2.63 8.92 37.16
C GLY A 1024 1.67 10.04 37.53
N ILE A 1025 0.37 9.73 37.49
CA ILE A 1025 -0.66 10.74 37.68
C ILE A 1025 -1.71 10.29 38.69
N LYS A 1026 -1.40 9.25 39.48
CA LYS A 1026 -2.39 8.75 40.43
C LYS A 1026 -2.76 9.80 41.47
N LEU A 1027 -1.78 10.52 41.99
CA LEU A 1027 -2.01 11.61 42.93
C LEU A 1027 -1.92 12.98 42.27
N ALA A 1028 -2.12 13.05 40.95
CA ALA A 1028 -1.94 14.30 40.22
C ALA A 1028 -2.88 15.38 40.73
N LEU A 1029 -2.35 16.60 40.85
CA LEU A 1029 -3.15 17.73 41.33
C LEU A 1029 -4.28 18.05 40.35
N SER A 1030 -3.94 18.21 39.07
CA SER A 1030 -4.96 18.41 38.05
C SER A 1030 -4.47 17.83 36.74
N PHE A 1031 -5.39 17.26 35.97
CA PHE A 1031 -5.11 16.66 34.68
C PHE A 1031 -6.27 17.02 33.76
N GLU A 1032 -6.05 17.97 32.85
CA GLU A 1032 -7.11 18.55 32.05
C GLU A 1032 -6.78 18.43 30.57
N LYS A 1033 -7.77 18.03 29.78
CA LYS A 1033 -7.62 17.95 28.33
C LYS A 1033 -7.84 19.32 27.71
N TYR A 1034 -6.85 19.78 26.95
CA TYR A 1034 -6.89 21.08 26.30
C TYR A 1034 -7.31 20.92 24.85
N GLN A 1035 -7.31 22.04 24.12
CA GLN A 1035 -7.55 22.03 22.68
C GLN A 1035 -6.62 23.04 22.01
N VAL A 1036 -6.37 22.83 20.73
CA VAL A 1036 -5.47 23.66 19.94
C VAL A 1036 -6.02 23.75 18.52
N ASP A 1037 -5.70 24.87 17.85
CA ASP A 1037 -6.13 25.08 16.48
C ASP A 1037 -5.08 24.51 15.52
N GLU A 1038 -5.22 24.84 14.24
CA GLU A 1038 -4.28 24.35 13.24
C GLU A 1038 -2.90 24.98 13.43
N LEU A 1039 -2.85 26.26 13.78
CA LEU A 1039 -1.60 27.01 13.79
C LEU A 1039 -0.86 26.96 15.12
N GLY A 1040 -1.57 26.73 16.22
CA GLY A 1040 -0.91 26.67 17.51
C GLY A 1040 -1.35 27.75 18.49
N LYS A 1041 -2.60 28.17 18.40
CA LYS A 1041 -3.16 29.18 19.29
C LYS A 1041 -4.60 28.78 19.59
N ASN A 1042 -5.39 29.70 20.12
CA ASN A 1042 -6.76 29.43 20.56
C ASN A 1042 -6.77 28.27 21.58
N ILE A 1043 -5.87 28.36 22.55
CA ILE A 1043 -5.66 27.31 23.54
C ILE A 1043 -6.81 27.34 24.54
N ARG A 1044 -7.76 26.42 24.39
CA ARG A 1044 -8.96 26.38 25.21
C ARG A 1044 -8.99 25.09 26.04
N LEU A 1045 -9.57 25.20 27.23
CA LEU A 1045 -9.76 24.05 28.11
C LEU A 1045 -11.10 24.18 28.82
N CYS A 1046 -11.67 23.03 29.17
CA CYS A 1046 -12.79 22.94 30.12
C CYS A 1046 -12.72 21.56 30.78
N LYS A 1047 -13.74 21.23 31.56
CA LYS A 1047 -13.93 19.88 32.09
C LYS A 1047 -15.36 19.43 31.86
N PRO A 1048 -15.81 19.37 30.61
CA PRO A 1048 -17.13 18.85 30.33
C PRO A 1048 -17.11 17.34 30.25
N SER A 1049 -18.29 16.75 30.36
CA SER A 1049 -18.34 15.31 30.27
C SER A 1049 -19.67 14.85 29.67
N LYS A 1050 -19.60 13.80 28.84
CA LYS A 1050 -20.69 12.85 28.59
C LYS A 1050 -20.08 11.54 28.14
N ARG A 1051 -20.22 10.47 28.93
CA ARG A 1051 -19.50 9.28 28.53
C ARG A 1051 -20.06 8.72 27.23
N GLN A 1052 -19.32 8.90 26.14
CA GLN A 1052 -19.83 8.50 24.83
C GLN A 1052 -19.81 6.98 24.70
N PRO A 1053 -20.93 6.35 24.35
CA PRO A 1053 -20.93 4.88 24.22
C PRO A 1053 -20.27 4.45 22.92
N VAL A 1054 -19.27 3.58 23.04
CA VAL A 1054 -18.67 2.98 21.85
C VAL A 1054 -19.72 2.13 21.15
N ARG A 1055 -19.79 2.26 19.82
CA ARG A 1055 -20.79 1.57 19.02
C ARG A 1055 -22.20 1.93 19.48
#